data_7N7Z
#
_entry.id   7N7Z
#
_cell.length_a   81.070
_cell.length_b   81.070
_cell.length_c   242.310
_cell.angle_alpha   90.000
_cell.angle_beta   90.000
_cell.angle_gamma   90.000
#
_symmetry.space_group_name_H-M   'P 41 21 2'
#
loop_
_entity.id
_entity.type
_entity.pdbx_description
1 polymer 'Acetyl-CoA C-acetyltransferase'
2 water water
#
_entity_poly.entity_id   1
_entity_poly.type   'polypeptide(L)'
_entity_poly.pdbx_seq_one_letter_code
;SMAEINEVVVVGMARTPIGRYLGGLASVRANDLAIIAANAAIERAGVDPGIIDEIVGATCLHAGNGSLPPRIIGMKVGLP
VRSGSCMVSQNCASGMRATEIACQNIMLGKTDISLVTAVESMSNIPYLLQQARSGYRMGDGKVQDAMLSDGLVCQLAGGH
MGMTAENIAEKYGITREECDALALTSHQNAVKAVDEGIFDREIVPVVIKSKKGDKVISKDEHPIRGASLETMAKLPPAFK
KGGVVTAANASGINDCAAAAVFMSKKKCEELGLKPLMKLVGICSEGVDAKVMGLGPAVAMPKVLKQAGWKYEDVDYWEVN
EAFAAQVLGVVRMLKEEAGIELDFSKTNHNGSGIGLGHPVGATGLRIIVSMYYELERLGLTKGGASLCVGGGSAMASLWT
RDI
;
_entity_poly.pdbx_strand_id   A,B
#
# COMPACT_ATOMS: atom_id res chain seq x y z
N GLU A 4 25.75 -0.02 -12.87
CA GLU A 4 24.85 -0.90 -13.61
C GLU A 4 23.39 -0.60 -13.27
N ILE A 5 23.16 0.10 -12.15
CA ILE A 5 21.81 0.42 -11.75
C ILE A 5 21.13 1.23 -12.86
N ASN A 6 19.88 0.90 -13.14
CA ASN A 6 19.22 1.40 -14.34
C ASN A 6 18.78 2.85 -14.17
N GLU A 7 18.79 3.57 -15.28
CA GLU A 7 18.29 4.93 -15.33
C GLU A 7 16.78 4.89 -15.57
N VAL A 8 16.05 5.74 -14.86
CA VAL A 8 14.59 5.73 -14.86
C VAL A 8 14.08 7.00 -15.53
N VAL A 9 13.19 6.83 -16.50
CA VAL A 9 12.62 7.95 -17.25
C VAL A 9 11.11 7.81 -17.28
N VAL A 10 10.43 8.94 -17.44
CA VAL A 10 8.98 8.99 -17.56
C VAL A 10 8.66 9.27 -19.03
N VAL A 11 7.85 8.39 -19.63
CA VAL A 11 7.51 8.51 -21.04
C VAL A 11 6.11 9.06 -21.27
N GLY A 12 5.19 8.88 -20.32
CA GLY A 12 3.83 9.39 -20.49
C GLY A 12 3.22 9.75 -19.15
N MET A 13 2.47 10.86 -19.11
CA MET A 13 1.79 11.30 -17.91
C MET A 13 0.45 11.89 -18.30
N ALA A 14 -0.54 11.72 -17.40
CA ALA A 14 -1.87 12.25 -17.62
C ALA A 14 -2.53 12.44 -16.27
N ARG A 15 -3.60 13.23 -16.28
CA ARG A 15 -4.42 13.41 -15.08
C ARG A 15 -5.79 13.90 -15.51
N THR A 16 -6.80 13.56 -14.71
CA THR A 16 -8.14 14.06 -14.91
C THR A 16 -8.27 15.45 -14.31
N PRO A 17 -9.34 16.18 -14.63
CA PRO A 17 -9.61 17.41 -13.91
C PRO A 17 -9.81 17.13 -12.43
N ILE A 18 -9.53 18.13 -11.60
CA ILE A 18 -9.71 18.02 -10.17
C ILE A 18 -11.14 18.45 -9.85
N GLY A 19 -12.03 17.48 -9.63
CA GLY A 19 -13.41 17.78 -9.36
C GLY A 19 -13.64 18.23 -7.94
N ARG A 20 -14.76 18.92 -7.74
CA ARG A 20 -15.13 19.38 -6.41
C ARG A 20 -15.79 18.26 -5.62
N TYR A 21 -15.62 18.32 -4.30
CA TYR A 21 -16.25 17.36 -3.41
C TYR A 21 -17.74 17.28 -3.70
N LEU A 22 -18.21 16.09 -4.07
CA LEU A 22 -19.61 15.88 -4.45
C LEU A 22 -19.99 16.74 -5.64
N GLY A 23 -19.03 16.99 -6.53
CA GLY A 23 -19.24 17.88 -7.66
C GLY A 23 -19.41 17.18 -9.00
N GLY A 24 -18.67 17.67 -10.01
CA GLY A 24 -18.88 17.18 -11.36
C GLY A 24 -18.47 15.74 -11.58
N LEU A 25 -17.53 15.24 -10.78
CA LEU A 25 -17.05 13.87 -10.92
C LEU A 25 -17.58 12.95 -9.82
N ALA A 26 -18.54 13.41 -9.03
CA ALA A 26 -19.04 12.60 -7.92
C ALA A 26 -19.62 11.28 -8.40
N SER A 27 -20.08 11.22 -9.65
CA SER A 27 -20.73 10.02 -10.15
C SER A 27 -19.75 8.97 -10.67
N VAL A 28 -18.48 9.34 -10.87
CA VAL A 28 -17.48 8.43 -11.40
C VAL A 28 -16.64 7.90 -10.25
N ARG A 29 -16.54 6.58 -10.15
CA ARG A 29 -15.82 5.96 -9.05
C ARG A 29 -14.31 6.05 -9.28
N ALA A 30 -13.56 5.76 -8.21
CA ALA A 30 -12.11 5.87 -8.26
C ALA A 30 -11.52 5.04 -9.39
N ASN A 31 -11.97 3.78 -9.52
CA ASN A 31 -11.34 2.88 -10.48
C ASN A 31 -11.50 3.40 -11.91
N ASP A 32 -12.69 3.89 -12.25
CA ASP A 32 -12.91 4.38 -13.61
C ASP A 32 -12.20 5.71 -13.84
N LEU A 33 -11.98 6.49 -12.79
CA LEU A 33 -11.14 7.68 -12.93
C LEU A 33 -9.69 7.29 -13.19
N ALA A 34 -9.19 6.27 -12.48
CA ALA A 34 -7.83 5.81 -12.71
C ALA A 34 -7.67 5.19 -14.09
N ILE A 35 -8.70 4.50 -14.57
CA ILE A 35 -8.65 3.88 -15.89
C ILE A 35 -8.52 4.95 -16.97
N ILE A 36 -9.26 6.05 -16.83
CA ILE A 36 -9.18 7.14 -17.81
C ILE A 36 -7.76 7.71 -17.84
N ALA A 37 -7.24 8.07 -16.67
CA ALA A 37 -5.89 8.65 -16.62
C ALA A 37 -4.85 7.68 -17.15
N ALA A 38 -4.93 6.42 -16.72
CA ALA A 38 -3.94 5.43 -17.15
C ALA A 38 -3.95 5.27 -18.67
N ASN A 39 -5.14 5.11 -19.26
CA ASN A 39 -5.23 5.01 -20.71
C ASN A 39 -4.65 6.24 -21.38
N ALA A 40 -4.84 7.42 -20.78
CA ALA A 40 -4.27 8.64 -21.34
C ALA A 40 -2.75 8.62 -21.26
N ALA A 41 -2.20 8.30 -20.09
CA ALA A 41 -0.75 8.22 -19.97
C ALA A 41 -0.17 7.15 -20.89
N ILE A 42 -0.91 6.06 -21.11
CA ILE A 42 -0.41 4.97 -21.95
C ILE A 42 -0.28 5.43 -23.39
N GLU A 43 -1.34 6.04 -23.94
CA GLU A 43 -1.29 6.46 -25.34
C GLU A 43 -0.33 7.62 -25.54
N ARG A 44 -0.19 8.50 -24.55
CA ARG A 44 0.79 9.57 -24.65
C ARG A 44 2.21 9.03 -24.64
N ALA A 45 2.44 7.93 -23.91
CA ALA A 45 3.73 7.26 -24.00
C ALA A 45 3.87 6.47 -25.30
N GLY A 46 2.74 6.07 -25.89
CA GLY A 46 2.79 5.30 -27.12
C GLY A 46 3.27 3.88 -26.94
N VAL A 47 3.06 3.29 -25.77
CA VAL A 47 3.50 1.94 -25.46
C VAL A 47 2.31 1.00 -25.57
N ASP A 48 2.58 -0.22 -26.04
CA ASP A 48 1.57 -1.27 -26.01
C ASP A 48 1.32 -1.66 -24.57
N PRO A 49 0.11 -1.46 -24.02
CA PRO A 49 -0.13 -1.85 -22.63
C PRO A 49 0.07 -3.33 -22.37
N GLY A 50 0.18 -4.15 -23.42
CA GLY A 50 0.34 -5.59 -23.24
C GLY A 50 1.70 -5.99 -22.68
N ILE A 51 2.69 -5.10 -22.75
CA ILE A 51 4.03 -5.41 -22.26
C ILE A 51 4.34 -4.75 -20.92
N ILE A 52 3.40 -4.00 -20.35
CA ILE A 52 3.65 -3.36 -19.07
C ILE A 52 3.86 -4.43 -18.01
N ASP A 53 4.93 -4.30 -17.24
CA ASP A 53 5.33 -5.35 -16.31
C ASP A 53 4.59 -5.30 -14.99
N GLU A 54 4.03 -4.17 -14.61
CA GLU A 54 3.36 -4.05 -13.31
C GLU A 54 2.55 -2.77 -13.28
N ILE A 55 1.65 -2.69 -12.30
CA ILE A 55 0.96 -1.46 -11.95
C ILE A 55 1.12 -1.25 -10.45
N VAL A 56 1.53 -0.04 -10.07
CA VAL A 56 1.65 0.35 -8.67
C VAL A 56 0.61 1.44 -8.45
N GLY A 57 -0.50 1.08 -7.80
CA GLY A 57 -1.64 1.97 -7.65
C GLY A 57 -1.65 2.62 -6.28
N ALA A 58 -1.78 3.95 -6.29
CA ALA A 58 -1.83 4.73 -5.06
C ALA A 58 -3.25 5.23 -4.82
N THR A 59 -3.66 5.21 -3.55
CA THR A 59 -4.92 5.78 -3.10
C THR A 59 -4.92 5.75 -1.58
N CYS A 60 -5.66 6.69 -0.99
CA CYS A 60 -5.72 6.77 0.47
C CYS A 60 -6.81 5.88 1.05
N LEU A 61 -8.00 5.88 0.46
CA LEU A 61 -9.13 5.09 0.95
C LEU A 61 -9.45 4.01 -0.07
N HIS A 62 -8.98 2.79 0.20
CA HIS A 62 -9.34 1.64 -0.64
C HIS A 62 -10.80 1.27 -0.47
N ALA A 63 -11.37 1.51 0.71
CA ALA A 63 -12.70 1.02 1.06
C ALA A 63 -13.70 1.33 -0.04
N GLY A 64 -14.38 0.28 -0.52
CA GLY A 64 -15.48 0.41 -1.44
C GLY A 64 -15.13 0.20 -2.90
N ASN A 65 -13.84 0.13 -3.24
CA ASN A 65 -13.41 0.09 -4.63
C ASN A 65 -13.06 -1.31 -5.12
N GLY A 66 -13.46 -2.35 -4.39
CA GLY A 66 -13.25 -3.71 -4.84
C GLY A 66 -11.92 -4.29 -4.42
N SER A 67 -11.69 -5.53 -4.87
CA SER A 67 -10.51 -6.29 -4.50
C SER A 67 -9.30 -5.80 -5.30
N LEU A 68 -8.27 -5.32 -4.61
CA LEU A 68 -7.05 -4.79 -5.20
C LEU A 68 -7.36 -4.02 -6.48
N PRO A 69 -7.85 -2.79 -6.36
CA PRO A 69 -8.25 -2.02 -7.55
C PRO A 69 -7.14 -1.94 -8.58
N PRO A 70 -5.89 -1.70 -8.17
CA PRO A 70 -4.83 -1.60 -9.18
C PRO A 70 -4.77 -2.79 -10.11
N ARG A 71 -5.07 -3.99 -9.62
CA ARG A 71 -5.15 -5.15 -10.50
C ARG A 71 -6.30 -5.01 -11.49
N ILE A 72 -7.46 -4.53 -11.01
CA ILE A 72 -8.59 -4.30 -11.90
C ILE A 72 -8.24 -3.23 -12.93
N ILE A 73 -7.70 -2.10 -12.45
CA ILE A 73 -7.31 -1.02 -13.36
C ILE A 73 -6.35 -1.53 -14.42
N GLY A 74 -5.34 -2.31 -13.99
CA GLY A 74 -4.36 -2.80 -14.94
C GLY A 74 -4.97 -3.69 -16.00
N MET A 75 -5.81 -4.65 -15.59
CA MET A 75 -6.38 -5.58 -16.56
C MET A 75 -7.30 -4.89 -17.55
N LYS A 76 -8.02 -3.85 -17.11
CA LYS A 76 -8.96 -3.18 -18.00
C LYS A 76 -8.23 -2.31 -19.03
N VAL A 77 -7.10 -1.70 -18.65
CA VAL A 77 -6.32 -0.93 -19.61
C VAL A 77 -5.40 -1.79 -20.45
N GLY A 78 -5.35 -3.10 -20.20
CA GLY A 78 -4.67 -4.02 -21.08
C GLY A 78 -3.33 -4.55 -20.61
N LEU A 79 -3.05 -4.50 -19.31
CA LEU A 79 -1.83 -5.11 -18.81
C LEU A 79 -1.90 -6.62 -19.00
N PRO A 80 -0.76 -7.29 -19.18
CA PRO A 80 -0.77 -8.75 -19.27
C PRO A 80 -0.97 -9.38 -17.90
N VAL A 81 -1.62 -10.54 -17.88
CA VAL A 81 -1.95 -11.19 -16.62
C VAL A 81 -0.70 -11.52 -15.82
N ARG A 82 0.45 -11.66 -16.49
CA ARG A 82 1.70 -11.89 -15.78
C ARG A 82 2.17 -10.66 -15.01
N SER A 83 1.61 -9.49 -15.31
CA SER A 83 2.06 -8.27 -14.67
C SER A 83 1.84 -8.32 -13.16
N GLY A 84 2.61 -7.50 -12.45
CA GLY A 84 2.43 -7.35 -11.03
C GLY A 84 1.44 -6.25 -10.70
N SER A 85 0.92 -6.28 -9.47
CA SER A 85 -0.03 -5.29 -9.03
C SER A 85 0.09 -5.12 -7.52
N CYS A 86 -0.09 -3.89 -7.05
CA CYS A 86 -0.10 -3.63 -5.61
C CYS A 86 -0.69 -2.26 -5.38
N MET A 87 -1.17 -2.05 -4.15
CA MET A 87 -1.75 -0.79 -3.72
C MET A 87 -0.90 -0.22 -2.60
N VAL A 88 -0.59 1.07 -2.68
CA VAL A 88 0.26 1.71 -1.70
C VAL A 88 -0.43 2.97 -1.20
N SER A 89 -0.20 3.28 0.07
CA SER A 89 -0.77 4.45 0.71
C SER A 89 0.27 5.10 1.61
N GLN A 90 0.59 6.35 1.32
CA GLN A 90 1.32 7.23 2.23
C GLN A 90 0.51 8.51 2.44
N ASN A 91 -0.80 8.33 2.64
CA ASN A 91 -1.76 9.43 2.73
C ASN A 91 -1.56 10.41 1.59
N CYS A 92 -1.19 11.66 1.88
CA CYS A 92 -1.12 12.69 0.85
C CYS A 92 -0.07 12.35 -0.20
N ALA A 93 1.00 11.66 0.19
CA ALA A 93 2.10 11.34 -0.71
C ALA A 93 1.97 9.96 -1.33
N SER A 94 0.79 9.33 -1.25
CA SER A 94 0.62 7.99 -1.81
C SER A 94 1.10 7.94 -3.26
N GLY A 95 0.68 8.91 -4.07
CA GLY A 95 1.10 8.94 -5.45
C GLY A 95 2.61 9.08 -5.61
N MET A 96 3.25 9.78 -4.68
CA MET A 96 4.70 9.97 -4.76
C MET A 96 5.45 8.72 -4.28
N ARG A 97 4.84 7.93 -3.40
CA ARG A 97 5.47 6.68 -2.98
C ARG A 97 5.32 5.60 -4.03
N ALA A 98 4.13 5.49 -4.64
CA ALA A 98 3.96 4.55 -5.75
C ALA A 98 4.99 4.80 -6.83
N THR A 99 5.30 6.07 -7.10
CA THR A 99 6.33 6.39 -8.08
C THR A 99 7.68 5.83 -7.65
N GLU A 100 8.09 6.08 -6.41
CA GLU A 100 9.35 5.53 -5.91
C GLU A 100 9.38 4.03 -6.08
N ILE A 101 8.34 3.34 -5.59
CA ILE A 101 8.32 1.88 -5.64
C ILE A 101 8.53 1.39 -7.07
N ALA A 102 7.78 1.96 -8.02
CA ALA A 102 7.93 1.54 -9.41
C ALA A 102 9.31 1.89 -9.95
N CYS A 103 9.85 3.05 -9.56
CA CYS A 103 11.16 3.45 -10.05
C CYS A 103 12.28 2.59 -9.46
N GLN A 104 12.12 2.15 -8.21
CA GLN A 104 13.10 1.24 -7.63
C GLN A 104 13.04 -0.14 -8.27
N ASN A 105 11.84 -0.59 -8.65
CA ASN A 105 11.73 -1.83 -9.41
C ASN A 105 12.47 -1.73 -10.73
N ILE A 106 12.39 -0.57 -11.39
CA ILE A 106 13.10 -0.39 -12.65
C ILE A 106 14.60 -0.20 -12.41
N MET A 107 14.96 0.50 -11.33
CA MET A 107 16.36 0.67 -11.00
C MET A 107 17.06 -0.67 -10.84
N LEU A 108 16.41 -1.61 -10.16
CA LEU A 108 17.00 -2.90 -9.83
C LEU A 108 16.74 -3.97 -10.89
N GLY A 109 16.22 -3.58 -12.06
CA GLY A 109 15.99 -4.55 -13.12
C GLY A 109 14.84 -5.50 -12.87
N LYS A 110 14.08 -5.32 -11.79
CA LYS A 110 12.94 -6.19 -11.55
C LYS A 110 11.89 -6.04 -12.64
N THR A 111 11.75 -4.83 -13.20
CA THR A 111 10.83 -4.57 -14.29
C THR A 111 11.49 -3.60 -15.25
N ASP A 112 10.96 -3.55 -16.47
CA ASP A 112 11.40 -2.60 -17.48
C ASP A 112 10.36 -1.52 -17.77
N ILE A 113 9.09 -1.79 -17.52
CA ILE A 113 8.00 -0.84 -17.77
C ILE A 113 7.01 -0.97 -16.62
N SER A 114 6.79 0.12 -15.88
CA SER A 114 5.90 0.12 -14.75
C SER A 114 4.90 1.27 -14.88
N LEU A 115 3.62 0.95 -14.72
CA LEU A 115 2.55 1.95 -14.75
C LEU A 115 2.18 2.31 -13.32
N VAL A 116 2.07 3.61 -13.05
CA VAL A 116 1.68 4.10 -11.74
C VAL A 116 0.38 4.88 -11.90
N THR A 117 -0.64 4.50 -11.14
CA THR A 117 -1.89 5.24 -11.05
C THR A 117 -2.05 5.75 -9.63
N ALA A 118 -2.60 6.96 -9.50
CA ALA A 118 -2.86 7.58 -8.21
C ALA A 118 -4.22 8.26 -8.29
N VAL A 119 -5.15 7.83 -7.44
CA VAL A 119 -6.54 8.25 -7.54
C VAL A 119 -7.12 8.49 -6.17
N GLU A 120 -8.04 9.45 -6.09
CA GLU A 120 -8.87 9.63 -4.91
C GLU A 120 -10.22 10.15 -5.37
N SER A 121 -11.26 9.36 -5.16
CA SER A 121 -12.65 9.78 -5.38
C SER A 121 -13.24 9.98 -3.99
N MET A 122 -12.97 11.14 -3.41
CA MET A 122 -13.46 11.43 -2.07
C MET A 122 -14.98 11.59 -2.04
N SER A 123 -15.59 11.93 -3.17
CA SER A 123 -17.05 11.96 -3.25
C SER A 123 -17.67 10.58 -3.08
N ASN A 124 -16.90 9.52 -3.33
CA ASN A 124 -17.42 8.16 -3.30
C ASN A 124 -16.81 7.32 -2.18
N ILE A 125 -16.17 7.94 -1.20
CA ILE A 125 -15.69 7.19 -0.03
C ILE A 125 -16.90 6.73 0.78
N PRO A 126 -17.00 5.45 1.12
CA PRO A 126 -18.19 4.97 1.84
C PRO A 126 -18.12 5.32 3.32
N TYR A 127 -19.26 5.13 3.98
CA TYR A 127 -19.34 5.19 5.43
C TYR A 127 -19.17 3.79 6.01
N LEU A 128 -18.73 3.74 7.26
CA LEU A 128 -18.37 2.48 7.90
C LEU A 128 -19.31 2.16 9.06
N LEU A 129 -19.62 0.87 9.21
CA LEU A 129 -20.32 0.34 10.37
C LEU A 129 -19.36 -0.64 11.05
N GLN A 130 -18.72 -0.18 12.13
CA GLN A 130 -17.67 -0.99 12.77
C GLN A 130 -18.24 -2.15 13.57
N GLN A 131 -19.43 -2.01 14.16
CA GLN A 131 -20.01 -3.05 14.99
C GLN A 131 -21.01 -3.93 14.26
N ALA A 132 -21.19 -3.72 12.95
CA ALA A 132 -22.22 -4.46 12.23
C ALA A 132 -21.94 -5.96 12.21
N ARG A 133 -20.67 -6.33 12.10
CA ARG A 133 -20.33 -7.75 11.96
C ARG A 133 -20.76 -8.55 13.19
N SER A 134 -20.32 -8.13 14.37
CA SER A 134 -20.65 -8.85 15.59
C SER A 134 -21.98 -8.43 16.19
N GLY A 135 -22.48 -7.26 15.83
CA GLY A 135 -23.80 -6.83 16.29
C GLY A 135 -23.69 -5.73 17.32
N TYR A 136 -24.64 -4.79 17.28
CA TYR A 136 -24.70 -3.72 18.27
C TYR A 136 -25.37 -4.17 19.56
N ARG A 137 -26.13 -5.26 19.52
CA ARG A 137 -26.75 -5.84 20.71
C ARG A 137 -27.77 -4.89 21.33
N MET A 138 -27.32 -3.73 21.79
CA MET A 138 -28.23 -2.75 22.38
C MET A 138 -27.49 -1.43 22.49
N GLY A 139 -28.21 -0.34 22.22
CA GLY A 139 -27.62 0.98 22.31
C GLY A 139 -27.16 1.50 20.95
N ASP A 140 -27.12 2.82 20.83
CA ASP A 140 -26.76 3.45 19.58
C ASP A 140 -25.31 3.12 19.20
N GLY A 141 -25.02 3.26 17.92
CA GLY A 141 -23.67 3.08 17.41
C GLY A 141 -23.24 4.25 16.55
N LYS A 142 -22.11 4.11 15.87
CA LYS A 142 -21.55 5.17 15.03
C LYS A 142 -21.52 4.72 13.57
N VAL A 143 -22.03 5.55 12.69
CA VAL A 143 -21.88 5.39 11.25
C VAL A 143 -20.77 6.36 10.84
N GLN A 144 -19.58 5.83 10.62
CA GLN A 144 -18.36 6.64 10.55
C GLN A 144 -18.07 7.06 9.12
N ASP A 145 -17.75 8.34 8.94
CA ASP A 145 -17.22 8.85 7.68
C ASP A 145 -15.76 8.41 7.56
N ALA A 146 -15.52 7.40 6.72
CA ALA A 146 -14.17 6.87 6.58
C ALA A 146 -13.19 7.93 6.08
N MET A 147 -13.67 8.86 5.25
CA MET A 147 -12.81 9.94 4.78
C MET A 147 -12.12 10.65 5.95
N LEU A 148 -12.79 10.76 7.08
CA LEU A 148 -12.23 11.41 8.26
C LEU A 148 -11.57 10.40 9.20
N SER A 149 -12.33 9.38 9.62
CA SER A 149 -11.79 8.44 10.61
C SER A 149 -10.61 7.66 10.06
N ASP A 150 -10.63 7.33 8.77
CA ASP A 150 -9.56 6.57 8.13
C ASP A 150 -8.63 7.45 7.29
N GLY A 151 -8.75 8.77 7.38
CA GLY A 151 -7.94 9.64 6.57
C GLY A 151 -7.65 11.00 7.17
N LEU A 152 -8.64 11.89 7.17
CA LEU A 152 -8.37 13.28 7.52
C LEU A 152 -8.18 13.47 9.02
N VAL A 153 -8.79 12.64 9.86
CA VAL A 153 -8.60 12.74 11.30
C VAL A 153 -7.46 11.81 11.70
N CYS A 154 -6.43 12.38 12.30
CA CYS A 154 -5.24 11.65 12.72
C CYS A 154 -5.22 11.50 14.24
N GLN A 155 -5.08 10.26 14.71
CA GLN A 155 -5.06 10.03 16.15
C GLN A 155 -3.81 10.59 16.80
N LEU A 156 -2.65 10.40 16.16
CA LEU A 156 -1.41 10.92 16.71
C LEU A 156 -1.48 12.43 16.88
N ALA A 157 -2.00 13.13 15.87
CA ALA A 157 -2.12 14.58 15.94
C ALA A 157 -3.24 15.04 16.87
N GLY A 158 -4.14 14.15 17.25
CA GLY A 158 -5.22 14.48 18.15
C GLY A 158 -6.46 15.04 17.49
N GLY A 159 -6.46 15.24 16.18
CA GLY A 159 -7.63 15.78 15.52
C GLY A 159 -7.44 15.87 14.03
N HIS A 160 -8.28 16.68 13.40
CA HIS A 160 -8.25 16.86 11.95
C HIS A 160 -6.89 17.40 11.51
N MET A 161 -6.59 17.20 10.21
CA MET A 161 -5.36 17.74 9.65
C MET A 161 -5.25 19.24 9.88
N GLY A 162 -6.39 19.92 9.97
CA GLY A 162 -6.39 21.36 10.17
C GLY A 162 -5.86 21.81 11.51
N MET A 163 -5.89 20.93 12.51
CA MET A 163 -5.33 21.28 13.81
C MET A 163 -3.81 21.33 13.75
N THR A 164 -3.19 20.43 12.98
CA THR A 164 -1.74 20.47 12.81
C THR A 164 -1.32 21.71 12.04
N ALA A 165 -2.18 22.23 11.18
CA ALA A 165 -1.93 23.52 10.57
C ALA A 165 -2.01 24.64 11.62
N GLU A 166 -3.01 24.56 12.51
CA GLU A 166 -3.10 25.53 13.60
C GLU A 166 -1.91 25.42 14.54
N ASN A 167 -1.38 24.21 14.73
CA ASN A 167 -0.22 24.03 15.59
C ASN A 167 0.99 24.74 15.00
N ILE A 168 1.16 24.69 13.68
CA ILE A 168 2.24 25.42 13.04
C ILE A 168 2.03 26.92 13.21
N ALA A 169 0.78 27.37 13.12
CA ALA A 169 0.49 28.78 13.28
C ALA A 169 0.94 29.29 14.66
N GLU A 170 0.68 28.50 15.71
CA GLU A 170 1.12 28.89 17.05
C GLU A 170 2.63 28.83 17.18
N LYS A 171 3.25 27.76 16.65
CA LYS A 171 4.69 27.62 16.74
C LYS A 171 5.41 28.83 16.18
N TYR A 172 5.02 29.26 14.98
CA TYR A 172 5.66 30.38 14.30
C TYR A 172 4.85 31.68 14.44
N GLY A 173 3.80 31.67 15.24
CA GLY A 173 2.99 32.89 15.39
C GLY A 173 2.50 33.45 14.07
N ILE A 174 2.07 32.57 13.17
CA ILE A 174 1.59 33.00 11.86
C ILE A 174 0.15 33.48 11.99
N THR A 175 -0.10 34.72 11.57
CA THR A 175 -1.43 35.29 11.65
C THR A 175 -2.28 34.82 10.48
N ARG A 176 -3.59 35.10 10.55
CA ARG A 176 -4.49 34.72 9.47
C ARG A 176 -4.30 35.59 8.25
N GLU A 177 -3.97 36.88 8.44
CA GLU A 177 -3.77 37.77 7.31
C GLU A 177 -2.77 37.19 6.33
N GLU A 178 -1.66 36.65 6.84
CA GLU A 178 -0.71 35.95 5.97
C GLU A 178 -1.36 34.73 5.34
N CYS A 179 -2.20 34.02 6.11
CA CYS A 179 -2.87 32.83 5.58
C CYS A 179 -3.84 33.20 4.47
N ASP A 180 -4.67 34.22 4.70
CA ASP A 180 -5.63 34.63 3.68
C ASP A 180 -4.94 35.22 2.46
N ALA A 181 -3.81 35.90 2.65
CA ALA A 181 -3.09 36.50 1.53
C ALA A 181 -2.50 35.42 0.63
N LEU A 182 -1.82 34.44 1.22
CA LEU A 182 -1.31 33.34 0.43
C LEU A 182 -2.45 32.57 -0.23
N ALA A 183 -3.52 32.31 0.52
CA ALA A 183 -4.67 31.60 -0.03
C ALA A 183 -5.22 32.33 -1.25
N LEU A 184 -5.37 33.65 -1.17
CA LEU A 184 -5.93 34.40 -2.28
C LEU A 184 -5.11 34.20 -3.55
N THR A 185 -3.79 34.39 -3.45
CA THR A 185 -2.93 34.21 -4.63
C THR A 185 -3.03 32.81 -5.19
N SER A 186 -3.24 31.81 -4.32
CA SER A 186 -3.42 30.45 -4.80
C SER A 186 -4.73 30.30 -5.56
N HIS A 187 -5.80 30.91 -5.05
CA HIS A 187 -7.08 30.84 -5.74
C HIS A 187 -7.05 31.61 -7.06
N GLN A 188 -6.48 32.81 -7.04
CA GLN A 188 -6.41 33.62 -8.26
C GLN A 188 -5.53 32.97 -9.31
N ASN A 189 -4.36 32.46 -8.90
CA ASN A 189 -3.47 31.81 -9.85
C ASN A 189 -4.15 30.60 -10.49
N ALA A 190 -4.90 29.83 -9.70
CA ALA A 190 -5.62 28.69 -10.25
C ALA A 190 -6.67 29.16 -11.26
N VAL A 191 -7.45 30.18 -10.89
CA VAL A 191 -8.45 30.71 -11.81
C VAL A 191 -7.80 31.13 -13.12
N LYS A 192 -6.67 31.87 -13.02
CA LYS A 192 -5.99 32.34 -14.22
C LYS A 192 -5.57 31.17 -15.10
N ALA A 193 -4.83 30.21 -14.54
CA ALA A 193 -4.33 29.11 -15.34
C ALA A 193 -5.44 28.23 -15.89
N VAL A 194 -6.54 28.08 -15.15
CA VAL A 194 -7.66 27.30 -15.65
C VAL A 194 -8.25 27.97 -16.90
N ASP A 195 -8.58 29.26 -16.78
CA ASP A 195 -9.15 29.98 -17.92
C ASP A 195 -8.16 30.07 -19.08
N GLU A 196 -6.86 30.17 -18.78
CA GLU A 196 -5.85 30.30 -19.82
C GLU A 196 -5.54 28.97 -20.50
N GLY A 197 -6.10 27.87 -20.03
CA GLY A 197 -5.88 26.58 -20.67
C GLY A 197 -4.49 26.00 -20.47
N ILE A 198 -3.78 26.43 -19.44
CA ILE A 198 -2.45 25.89 -19.18
C ILE A 198 -2.54 24.41 -18.81
N PHE A 199 -3.60 24.02 -18.11
CA PHE A 199 -3.78 22.63 -17.69
C PHE A 199 -4.39 21.75 -18.77
N ASP A 200 -4.64 22.29 -19.97
CA ASP A 200 -5.28 21.49 -21.02
C ASP A 200 -4.36 20.39 -21.53
N ARG A 201 -3.05 20.61 -21.49
CA ARG A 201 -2.12 19.60 -22.00
C ARG A 201 -2.09 18.38 -21.10
N GLU A 202 -1.93 18.59 -19.79
CA GLU A 202 -1.84 17.47 -18.85
C GLU A 202 -3.18 16.78 -18.63
N ILE A 203 -4.28 17.45 -18.94
CA ILE A 203 -5.60 16.95 -18.58
C ILE A 203 -6.10 15.98 -19.64
N VAL A 204 -6.74 14.91 -19.19
CA VAL A 204 -7.60 14.07 -20.02
C VAL A 204 -9.02 14.21 -19.49
N PRO A 205 -10.00 14.51 -20.35
CA PRO A 205 -11.34 14.80 -19.84
C PRO A 205 -12.08 13.53 -19.42
N VAL A 206 -13.01 13.70 -18.49
CA VAL A 206 -13.83 12.61 -17.97
C VAL A 206 -15.20 12.72 -18.62
N VAL A 207 -15.61 11.65 -19.31
CA VAL A 207 -16.90 11.61 -19.99
C VAL A 207 -17.91 10.94 -19.08
N ILE A 208 -19.08 11.57 -18.94
CA ILE A 208 -20.15 11.05 -18.09
C ILE A 208 -21.18 10.37 -18.99
N LYS A 209 -21.46 9.11 -18.73
CA LYS A 209 -22.44 8.36 -19.49
C LYS A 209 -23.84 8.61 -18.95
N ASP A 214 -24.93 12.62 -21.99
CA ASP A 214 -23.52 12.37 -22.30
C ASP A 214 -22.69 13.63 -22.04
N LYS A 215 -22.56 14.00 -20.77
CA LYS A 215 -21.79 15.17 -20.38
C LYS A 215 -20.33 14.80 -20.17
N VAL A 216 -19.49 15.83 -20.04
CA VAL A 216 -18.05 15.66 -19.98
C VAL A 216 -17.44 16.76 -19.13
N ILE A 217 -16.58 16.37 -18.19
CA ILE A 217 -15.86 17.28 -17.33
C ILE A 217 -14.43 17.40 -17.85
N SER A 218 -13.94 18.63 -17.98
CA SER A 218 -12.61 18.85 -18.53
C SER A 218 -11.84 20.01 -17.89
N LYS A 219 -12.42 20.72 -16.92
CA LYS A 219 -11.76 21.85 -16.27
C LYS A 219 -11.76 21.66 -14.77
N ASP A 220 -10.69 22.09 -14.12
CA ASP A 220 -10.62 22.07 -12.67
C ASP A 220 -11.62 23.05 -12.09
N GLU A 221 -12.41 22.59 -11.11
CA GLU A 221 -13.60 23.32 -10.67
C GLU A 221 -13.56 23.75 -9.22
N HIS A 222 -12.41 23.63 -8.55
CA HIS A 222 -12.33 24.01 -7.15
C HIS A 222 -12.09 25.50 -6.92
N PRO A 223 -11.31 26.19 -7.76
CA PRO A 223 -10.91 27.56 -7.42
C PRO A 223 -12.10 28.44 -7.06
N ILE A 224 -11.96 29.17 -5.95
CA ILE A 224 -12.95 30.16 -5.55
C ILE A 224 -12.83 31.35 -6.48
N ARG A 225 -13.82 31.55 -7.33
CA ARG A 225 -13.79 32.63 -8.31
C ARG A 225 -14.30 33.92 -7.69
N GLY A 226 -13.73 35.04 -8.15
CA GLY A 226 -14.03 36.31 -7.55
C GLY A 226 -13.49 36.48 -6.15
N ALA A 227 -12.55 35.63 -5.74
CA ALA A 227 -11.97 35.74 -4.40
C ALA A 227 -11.39 37.13 -4.18
N SER A 228 -11.66 37.68 -3.00
CA SER A 228 -11.17 38.99 -2.62
C SER A 228 -10.49 38.90 -1.26
N LEU A 229 -9.53 39.80 -1.03
CA LEU A 229 -8.84 39.84 0.25
C LEU A 229 -9.81 39.86 1.41
N GLU A 230 -10.96 40.51 1.23
CA GLU A 230 -11.90 40.72 2.34
C GLU A 230 -12.95 39.63 2.44
N THR A 231 -13.31 38.98 1.32
CA THR A 231 -14.13 37.78 1.42
C THR A 231 -13.42 36.71 2.23
N MET A 232 -12.09 36.64 2.11
CA MET A 232 -11.32 35.69 2.89
C MET A 232 -11.39 36.00 4.38
N ALA A 233 -11.52 37.28 4.73
CA ALA A 233 -11.51 37.68 6.13
C ALA A 233 -12.84 37.45 6.83
N LYS A 234 -13.93 37.31 6.08
CA LYS A 234 -15.24 37.12 6.68
C LYS A 234 -15.56 35.66 6.99
N LEU A 235 -14.80 34.72 6.43
CA LEU A 235 -15.10 33.32 6.68
C LEU A 235 -14.71 32.95 8.11
N PRO A 236 -15.49 32.10 8.78
CA PRO A 236 -15.17 31.73 10.16
C PRO A 236 -14.10 30.67 10.20
N PRO A 237 -13.39 30.53 11.32
CA PRO A 237 -12.44 29.42 11.45
C PRO A 237 -13.17 28.09 11.33
N ALA A 238 -12.44 27.09 10.82
CA ALA A 238 -13.04 25.80 10.47
C ALA A 238 -12.71 24.67 11.43
N PHE A 239 -11.60 24.76 12.16
CA PHE A 239 -11.14 23.65 12.99
C PHE A 239 -10.80 24.02 14.42
N LYS A 240 -10.60 25.30 14.74
CA LYS A 240 -10.24 25.72 16.08
C LYS A 240 -10.95 27.03 16.40
N LYS A 241 -11.32 27.19 17.67
CA LYS A 241 -11.93 28.44 18.13
C LYS A 241 -10.89 29.56 18.03
N GLY A 242 -11.12 30.48 17.11
CA GLY A 242 -10.16 31.55 16.88
C GLY A 242 -8.95 31.15 16.09
N GLY A 243 -9.02 30.05 15.33
CA GLY A 243 -7.89 29.60 14.56
C GLY A 243 -7.76 30.31 13.23
N VAL A 244 -6.54 30.28 12.70
CA VAL A 244 -6.24 30.97 11.44
C VAL A 244 -6.71 30.19 10.22
N VAL A 245 -7.07 28.93 10.38
CA VAL A 245 -7.43 28.07 9.25
C VAL A 245 -8.91 28.24 8.94
N THR A 246 -9.22 28.49 7.67
CA THR A 246 -10.59 28.56 7.18
C THR A 246 -10.73 27.61 5.99
N ALA A 247 -11.98 27.38 5.58
CA ALA A 247 -12.22 26.53 4.42
C ALA A 247 -11.52 27.08 3.18
N ALA A 248 -11.39 28.41 3.08
CA ALA A 248 -10.85 29.00 1.86
C ALA A 248 -9.33 28.95 1.83
N ASN A 249 -8.67 29.16 2.98
CA ASN A 249 -7.21 29.06 3.04
C ASN A 249 -6.74 27.66 3.40
N ALA A 250 -7.64 26.69 3.44
CA ALA A 250 -7.29 25.28 3.60
C ALA A 250 -7.50 24.56 2.27
N SER A 251 -6.74 23.49 2.08
CA SER A 251 -6.93 22.68 0.89
C SER A 251 -8.32 22.06 0.88
N GLY A 252 -8.85 21.86 -0.33
CA GLY A 252 -10.18 21.33 -0.47
C GLY A 252 -10.23 19.82 -0.61
N ILE A 253 -11.43 19.29 -0.43
CA ILE A 253 -11.71 17.88 -0.67
C ILE A 253 -12.14 17.72 -2.12
N ASN A 254 -11.51 16.79 -2.84
CA ASN A 254 -11.65 16.77 -4.28
C ASN A 254 -11.51 15.35 -4.82
N ASP A 255 -11.81 15.22 -6.11
CA ASP A 255 -11.69 13.95 -6.84
C ASP A 255 -10.77 14.16 -8.03
N CYS A 256 -9.95 13.16 -8.32
CA CYS A 256 -8.99 13.25 -9.42
C CYS A 256 -8.23 11.95 -9.54
N ALA A 257 -7.67 11.71 -10.72
CA ALA A 257 -6.80 10.58 -10.98
C ALA A 257 -5.65 11.03 -11.87
N ALA A 258 -4.45 10.54 -11.56
CA ALA A 258 -3.26 10.80 -12.34
C ALA A 258 -2.57 9.47 -12.63
N ALA A 259 -1.83 9.43 -13.75
CA ALA A 259 -1.15 8.21 -14.15
C ALA A 259 0.14 8.56 -14.87
N ALA A 260 1.10 7.65 -14.81
CA ALA A 260 2.38 7.81 -15.48
C ALA A 260 2.94 6.46 -15.83
N VAL A 261 3.63 6.40 -16.96
CA VAL A 261 4.28 5.18 -17.45
C VAL A 261 5.78 5.39 -17.32
N PHE A 262 6.41 4.62 -16.45
CA PHE A 262 7.84 4.70 -16.23
C PHE A 262 8.57 3.59 -16.98
N MET A 263 9.86 3.80 -17.21
CA MET A 263 10.65 2.88 -18.01
C MET A 263 12.12 3.06 -17.68
N SER A 264 12.88 1.98 -17.87
CA SER A 264 14.33 2.13 -17.91
C SER A 264 14.72 2.84 -19.19
N LYS A 265 15.73 3.72 -19.10
CA LYS A 265 16.13 4.48 -20.28
C LYS A 265 16.46 3.56 -21.44
N LYS A 266 17.06 2.40 -21.16
CA LYS A 266 17.42 1.48 -22.23
C LYS A 266 16.18 0.92 -22.90
N LYS A 267 15.11 0.69 -22.14
CA LYS A 267 13.88 0.17 -22.74
C LYS A 267 13.24 1.21 -23.65
N CYS A 268 13.21 2.48 -23.21
CA CYS A 268 12.61 3.53 -24.03
C CYS A 268 13.33 3.66 -25.36
N GLU A 269 14.67 3.64 -25.34
CA GLU A 269 15.44 3.70 -26.58
C GLU A 269 15.15 2.48 -27.44
N GLU A 270 15.18 1.29 -26.84
CA GLU A 270 14.91 0.06 -27.59
C GLU A 270 13.57 0.12 -28.30
N LEU A 271 12.54 0.64 -27.61
CA LEU A 271 11.21 0.71 -28.20
C LEU A 271 11.03 1.90 -29.12
N GLY A 272 11.98 2.84 -29.14
CA GLY A 272 11.88 3.98 -30.03
C GLY A 272 10.98 5.10 -29.55
N LEU A 273 10.74 5.19 -28.25
CA LEU A 273 9.88 6.21 -27.68
C LEU A 273 10.71 7.38 -27.13
N LYS A 274 10.02 8.43 -26.73
CA LYS A 274 10.67 9.67 -26.30
C LYS A 274 10.61 9.80 -24.79
N PRO A 275 11.73 9.71 -24.07
CA PRO A 275 11.70 9.98 -22.63
C PRO A 275 11.41 11.46 -22.38
N LEU A 276 10.47 11.72 -21.45
CA LEU A 276 10.08 13.09 -21.15
C LEU A 276 10.93 13.71 -20.04
N MET A 277 11.22 12.95 -18.99
CA MET A 277 12.16 13.41 -17.97
C MET A 277 12.70 12.20 -17.23
N LYS A 278 13.87 12.37 -16.61
CA LYS A 278 14.57 11.30 -15.92
C LYS A 278 14.52 11.54 -14.42
N LEU A 279 14.30 10.48 -13.66
CA LEU A 279 14.32 10.58 -12.21
C LEU A 279 15.74 10.90 -11.74
N VAL A 280 15.85 11.86 -10.83
CA VAL A 280 17.12 12.26 -10.25
C VAL A 280 17.22 11.84 -8.79
N GLY A 281 16.19 12.15 -7.99
CA GLY A 281 16.18 11.77 -6.60
C GLY A 281 14.75 11.65 -6.10
N ILE A 282 14.59 10.85 -5.05
CA ILE A 282 13.29 10.64 -4.43
C ILE A 282 13.54 10.01 -3.07
N CYS A 283 12.76 10.44 -2.08
CA CYS A 283 13.01 10.04 -0.70
C CYS A 283 11.85 10.47 0.17
N SER A 284 11.82 9.92 1.39
CA SER A 284 10.89 10.31 2.43
C SER A 284 11.66 10.86 3.62
N GLU A 285 10.97 11.69 4.41
CA GLU A 285 11.55 12.22 5.65
C GLU A 285 10.43 12.81 6.49
N GLY A 286 10.32 12.37 7.75
CA GLY A 286 9.19 12.69 8.57
C GLY A 286 9.46 13.77 9.61
N VAL A 287 8.36 14.33 10.11
CA VAL A 287 8.37 15.23 11.27
C VAL A 287 7.29 14.76 12.22
N ASP A 288 7.24 15.38 13.39
CA ASP A 288 6.23 15.01 14.38
C ASP A 288 4.84 15.18 13.79
N ALA A 289 3.92 14.28 14.17
CA ALA A 289 2.59 14.28 13.59
C ALA A 289 1.84 15.57 13.90
N LYS A 290 2.08 16.16 15.07
CA LYS A 290 1.38 17.38 15.46
C LYS A 290 1.69 18.53 14.50
N VAL A 291 2.84 18.50 13.83
CA VAL A 291 3.20 19.55 12.88
C VAL A 291 3.65 18.88 11.58
N MET A 292 2.86 17.92 11.10
CA MET A 292 3.21 17.22 9.88
C MET A 292 3.34 18.16 8.69
N GLY A 293 2.74 19.35 8.76
CA GLY A 293 2.83 20.29 7.66
C GLY A 293 4.25 20.74 7.37
N LEU A 294 5.12 20.72 8.37
CA LEU A 294 6.51 21.12 8.20
C LEU A 294 7.35 20.08 7.46
N GLY A 295 6.75 18.96 7.07
CA GLY A 295 7.47 17.87 6.44
C GLY A 295 8.40 18.30 5.32
N PRO A 296 7.89 19.08 4.36
CA PRO A 296 8.72 19.46 3.21
C PRO A 296 10.03 20.13 3.61
N ALA A 297 10.08 20.81 4.75
CA ALA A 297 11.29 21.50 5.17
C ALA A 297 12.43 20.55 5.53
N VAL A 298 12.14 19.26 5.73
CA VAL A 298 13.18 18.27 5.92
C VAL A 298 13.34 17.35 4.71
N ALA A 299 12.29 17.14 3.92
CA ALA A 299 12.38 16.25 2.77
C ALA A 299 13.06 16.93 1.59
N MET A 300 12.83 18.23 1.39
CA MET A 300 13.45 18.91 0.26
C MET A 300 14.96 19.02 0.42
N PRO A 301 15.50 19.49 1.54
CA PRO A 301 16.96 19.50 1.67
C PRO A 301 17.59 18.11 1.60
N LYS A 302 16.88 17.09 2.06
CA LYS A 302 17.43 15.74 2.02
C LYS A 302 17.59 15.25 0.59
N VAL A 303 16.50 15.28 -0.19
CA VAL A 303 16.58 14.80 -1.56
C VAL A 303 17.58 15.63 -2.36
N LEU A 304 17.69 16.92 -2.05
CA LEU A 304 18.70 17.75 -2.71
C LEU A 304 20.10 17.27 -2.35
N LYS A 305 20.36 17.02 -1.07
CA LYS A 305 21.65 16.47 -0.66
C LYS A 305 21.87 15.10 -1.27
N GLN A 306 20.84 14.26 -1.29
CA GLN A 306 20.96 12.93 -1.88
C GLN A 306 21.42 12.99 -3.33
N ALA A 307 21.00 14.01 -4.07
CA ALA A 307 21.24 14.10 -5.50
C ALA A 307 22.42 14.98 -5.86
N GLY A 308 23.13 15.53 -4.87
CA GLY A 308 24.18 16.48 -5.17
C GLY A 308 23.68 17.79 -5.73
N TRP A 309 22.38 18.05 -5.67
CA TRP A 309 21.80 19.29 -6.15
C TRP A 309 21.68 20.29 -5.00
N LYS A 310 21.95 21.56 -5.32
CA LYS A 310 21.55 22.66 -4.45
C LYS A 310 20.17 23.13 -4.84
N TYR A 311 19.51 23.82 -3.91
CA TYR A 311 18.16 24.30 -4.19
C TYR A 311 18.12 25.16 -5.45
N GLU A 312 19.17 25.95 -5.69
CA GLU A 312 19.19 26.84 -6.84
C GLU A 312 19.15 26.09 -8.16
N ASP A 313 19.61 24.83 -8.18
CA ASP A 313 19.66 24.08 -9.43
C ASP A 313 18.26 23.81 -9.98
N VAL A 314 17.25 23.73 -9.11
CA VAL A 314 15.90 23.39 -9.52
C VAL A 314 15.25 24.62 -10.14
N ASP A 315 14.77 24.48 -11.39
CA ASP A 315 14.17 25.60 -12.09
C ASP A 315 12.74 25.88 -11.62
N TYR A 316 12.02 24.87 -11.16
CA TYR A 316 10.63 25.05 -10.76
C TYR A 316 10.25 23.98 -9.76
N TRP A 317 9.44 24.36 -8.77
CA TRP A 317 8.95 23.45 -7.74
C TRP A 317 7.43 23.36 -7.79
N GLU A 318 6.91 22.18 -7.50
CA GLU A 318 5.49 21.98 -7.20
C GLU A 318 5.43 21.50 -5.75
N VAL A 319 5.09 22.40 -4.84
CA VAL A 319 5.01 22.11 -3.40
C VAL A 319 3.56 22.27 -3.00
N ASN A 320 2.90 21.16 -2.69
CA ASN A 320 1.48 21.18 -2.37
C ASN A 320 1.22 22.07 -1.16
N GLU A 321 0.15 22.87 -1.23
CA GLU A 321 -0.31 23.68 -0.12
C GLU A 321 -1.44 22.94 0.57
N ALA A 322 -1.13 22.25 1.66
CA ALA A 322 -2.17 21.62 2.46
C ALA A 322 -2.99 22.69 3.20
N PHE A 323 -2.30 23.66 3.80
CA PHE A 323 -2.95 24.77 4.49
C PHE A 323 -2.06 25.99 4.38
N ALA A 324 -2.68 27.16 4.31
CA ALA A 324 -1.91 28.39 4.17
C ALA A 324 -0.91 28.55 5.31
N ALA A 325 -1.32 28.27 6.54
CA ALA A 325 -0.40 28.31 7.66
C ALA A 325 0.72 27.28 7.49
N GLN A 326 0.38 26.11 6.94
CA GLN A 326 1.39 25.06 6.74
C GLN A 326 2.48 25.52 5.79
N VAL A 327 2.10 26.13 4.66
CA VAL A 327 3.09 26.61 3.71
C VAL A 327 3.93 27.72 4.33
N LEU A 328 3.30 28.66 5.03
CA LEU A 328 4.04 29.74 5.66
C LEU A 328 4.98 29.19 6.73
N GLY A 329 4.65 28.05 7.32
CA GLY A 329 5.56 27.39 8.24
C GLY A 329 6.71 26.71 7.53
N VAL A 330 6.41 26.13 6.36
CA VAL A 330 7.46 25.50 5.57
C VAL A 330 8.42 26.54 5.03
N VAL A 331 7.90 27.67 4.55
CA VAL A 331 8.75 28.76 4.07
C VAL A 331 9.76 29.15 5.14
N ARG A 332 9.35 29.09 6.41
CA ARG A 332 10.15 29.62 7.51
C ARG A 332 11.11 28.58 8.08
N MET A 333 10.61 27.38 8.39
CA MET A 333 11.50 26.31 8.83
C MET A 333 12.63 26.13 7.82
N LEU A 334 12.33 26.28 6.53
CA LEU A 334 13.36 26.25 5.50
C LEU A 334 14.37 27.38 5.69
N LYS A 335 13.92 28.53 6.20
CA LYS A 335 14.83 29.65 6.42
C LYS A 335 15.65 29.45 7.69
N GLU A 336 15.03 28.97 8.76
CA GLU A 336 15.70 28.94 10.05
C GLU A 336 16.63 27.74 10.19
N GLU A 337 16.12 26.53 9.93
CA GLU A 337 16.91 25.32 10.11
C GLU A 337 17.58 24.86 8.82
N ALA A 338 17.09 25.27 7.66
CA ALA A 338 17.77 25.09 6.39
C ALA A 338 18.23 26.45 5.88
N GLY A 339 19.04 26.42 4.82
CA GLY A 339 19.56 27.65 4.25
C GLY A 339 18.74 28.12 3.06
N ILE A 340 17.45 27.80 3.05
CA ILE A 340 16.60 27.98 1.88
C ILE A 340 15.64 29.14 2.14
N GLU A 341 15.65 30.12 1.24
CA GLU A 341 14.58 31.10 1.12
C GLU A 341 13.70 30.66 -0.05
N LEU A 342 12.51 30.13 0.26
CA LEU A 342 11.68 29.52 -0.76
C LEU A 342 11.34 30.54 -1.85
N ASP A 343 11.69 30.21 -3.09
CA ASP A 343 11.52 31.11 -4.22
C ASP A 343 10.13 30.87 -4.82
N PHE A 344 9.18 31.73 -4.46
CA PHE A 344 7.82 31.57 -4.95
C PHE A 344 7.69 31.95 -6.43
N SER A 345 8.66 32.68 -6.97
CA SER A 345 8.69 32.92 -8.41
C SER A 345 8.99 31.66 -9.19
N LYS A 346 9.56 30.65 -8.54
CA LYS A 346 9.85 29.35 -9.14
C LYS A 346 9.09 28.23 -8.43
N THR A 347 7.94 28.56 -7.83
CA THR A 347 7.18 27.58 -7.06
C THR A 347 5.69 27.85 -7.24
N ASN A 348 4.95 26.81 -7.61
CA ASN A 348 3.49 26.85 -7.70
C ASN A 348 3.02 28.10 -8.46
N HIS A 349 3.26 28.06 -9.77
CA HIS A 349 2.88 29.18 -10.62
C HIS A 349 1.37 29.24 -10.82
N ASN A 350 0.72 28.08 -10.89
CA ASN A 350 -0.66 28.00 -11.35
C ASN A 350 -1.58 27.44 -10.27
N GLY A 351 -1.50 27.98 -9.06
CA GLY A 351 -2.33 27.52 -7.97
C GLY A 351 -1.91 26.14 -7.49
N SER A 352 -2.22 25.83 -6.23
CA SER A 352 -1.84 24.55 -5.65
C SER A 352 -3.00 23.98 -4.83
N GLY A 353 -2.68 23.28 -3.74
CA GLY A 353 -3.71 22.56 -3.01
C GLY A 353 -4.86 23.44 -2.57
N ILE A 354 -4.57 24.69 -2.20
CA ILE A 354 -5.62 25.58 -1.72
C ILE A 354 -6.52 26.01 -2.87
N GLY A 355 -5.93 26.37 -4.01
CA GLY A 355 -6.70 26.86 -5.14
C GLY A 355 -7.30 25.76 -5.98
N LEU A 356 -6.51 24.72 -6.28
CA LEU A 356 -6.95 23.64 -7.15
C LEU A 356 -7.53 22.45 -6.42
N GLY A 357 -7.29 22.33 -5.12
CA GLY A 357 -7.81 21.23 -4.34
C GLY A 357 -6.73 20.19 -4.03
N HIS A 358 -7.10 19.28 -3.13
CA HIS A 358 -6.19 18.26 -2.61
C HIS A 358 -6.87 16.90 -2.69
N PRO A 359 -6.91 16.28 -3.88
CA PRO A 359 -7.38 14.89 -3.97
C PRO A 359 -6.33 13.94 -3.44
N VAL A 360 -6.41 13.64 -2.13
CA VAL A 360 -5.31 13.08 -1.36
C VAL A 360 -4.56 12.01 -2.12
N GLY A 361 -5.24 10.92 -2.45
CA GLY A 361 -4.56 9.78 -3.06
C GLY A 361 -3.81 10.13 -4.33
N ALA A 362 -4.29 11.12 -5.08
CA ALA A 362 -3.70 11.46 -6.36
C ALA A 362 -2.67 12.57 -6.29
N THR A 363 -2.70 13.40 -5.23
CA THR A 363 -1.86 14.58 -5.19
C THR A 363 -0.38 14.25 -5.37
N GLY A 364 0.10 13.23 -4.66
CA GLY A 364 1.52 12.90 -4.71
C GLY A 364 2.05 12.79 -6.13
N LEU A 365 1.28 12.17 -7.01
CA LEU A 365 1.66 12.06 -8.42
C LEU A 365 1.14 13.23 -9.24
N ARG A 366 0.04 13.85 -8.82
CA ARG A 366 -0.54 14.96 -9.58
C ARG A 366 0.46 16.09 -9.71
N ILE A 367 1.10 16.48 -8.61
CA ILE A 367 2.06 17.59 -8.66
C ILE A 367 3.23 17.23 -9.55
N ILE A 368 3.62 15.95 -9.60
CA ILE A 368 4.65 15.53 -10.54
C ILE A 368 4.22 15.84 -11.96
N VAL A 369 3.00 15.45 -12.32
CA VAL A 369 2.49 15.71 -13.66
C VAL A 369 2.47 17.20 -13.94
N SER A 370 1.91 17.99 -13.00
CA SER A 370 1.86 19.43 -13.19
C SER A 370 3.25 20.02 -13.26
N MET A 371 4.20 19.48 -12.49
CA MET A 371 5.58 19.96 -12.54
C MET A 371 6.12 19.88 -13.97
N TYR A 372 6.06 18.69 -14.56
CA TYR A 372 6.66 18.49 -15.89
C TYR A 372 6.06 19.45 -16.90
N TYR A 373 4.73 19.47 -17.03
CA TYR A 373 4.10 20.28 -18.07
C TYR A 373 4.41 21.76 -17.89
N GLU A 374 4.67 22.20 -16.66
CA GLU A 374 5.13 23.58 -16.47
C GLU A 374 6.58 23.74 -16.93
N LEU A 375 7.42 22.73 -16.65
CA LEU A 375 8.77 22.74 -17.20
C LEU A 375 8.73 22.79 -18.73
N GLU A 376 7.84 21.99 -19.34
CA GLU A 376 7.72 22.00 -20.79
C GLU A 376 7.16 23.32 -21.29
N ARG A 377 6.19 23.89 -20.57
CA ARG A 377 5.59 25.15 -21.02
C ARG A 377 6.57 26.30 -20.92
N LEU A 378 7.52 26.24 -19.99
CA LEU A 378 8.50 27.30 -19.79
C LEU A 378 9.87 26.96 -20.37
N GLY A 379 10.00 25.83 -21.05
CA GLY A 379 11.28 25.45 -21.64
C GLY A 379 12.38 25.27 -20.61
N LEU A 380 12.02 24.87 -19.39
CA LEU A 380 13.00 24.66 -18.33
C LEU A 380 13.39 23.18 -18.29
N THR A 381 14.32 22.85 -17.39
CA THR A 381 14.97 21.55 -17.39
C THR A 381 14.83 20.79 -16.09
N LYS A 382 15.19 21.39 -14.95
CA LYS A 382 15.21 20.71 -13.67
C LYS A 382 13.98 21.07 -12.86
N GLY A 383 13.30 20.05 -12.35
CA GLY A 383 12.09 20.25 -11.57
C GLY A 383 12.10 19.42 -10.31
N GLY A 384 11.33 19.87 -9.33
CA GLY A 384 11.21 19.17 -8.07
C GLY A 384 9.79 19.25 -7.54
N ALA A 385 9.45 18.28 -6.70
CA ALA A 385 8.12 18.22 -6.11
C ALA A 385 8.23 17.64 -4.71
N SER A 386 7.42 18.16 -3.79
CA SER A 386 7.42 17.73 -2.41
C SER A 386 6.09 18.08 -1.79
N LEU A 387 5.76 17.42 -0.68
CA LEU A 387 4.48 17.65 -0.03
C LEU A 387 4.50 17.06 1.37
N CYS A 388 3.78 17.71 2.28
CA CYS A 388 3.58 17.17 3.61
C CYS A 388 2.59 16.01 3.56
N VAL A 389 2.59 15.21 4.63
CA VAL A 389 1.79 13.98 4.69
C VAL A 389 1.16 13.87 6.06
N GLY A 390 -0.11 13.48 6.09
CA GLY A 390 -0.76 13.15 7.33
C GLY A 390 0.04 12.12 8.09
N GLY A 391 0.32 12.38 9.37
CA GLY A 391 1.19 11.52 10.13
C GLY A 391 2.59 12.08 10.24
N GLY A 392 3.11 12.62 9.13
CA GLY A 392 4.37 13.33 9.16
C GLY A 392 5.38 12.90 8.11
N SER A 393 5.26 11.68 7.60
CA SER A 393 6.27 11.17 6.67
C SER A 393 6.16 11.84 5.30
N ALA A 394 6.81 12.99 5.13
CA ALA A 394 6.74 13.74 3.89
C ALA A 394 7.68 13.12 2.84
N MET A 395 7.51 13.56 1.60
CA MET A 395 8.33 13.07 0.50
C MET A 395 8.75 14.25 -0.38
N ALA A 396 9.73 13.98 -1.23
CA ALA A 396 10.23 14.96 -2.19
C ALA A 396 10.94 14.20 -3.30
N SER A 397 10.97 14.81 -4.49
CA SER A 397 11.57 14.18 -5.65
C SER A 397 12.16 15.24 -6.56
N LEU A 398 13.16 14.84 -7.35
CA LEU A 398 13.84 15.71 -8.28
C LEU A 398 13.90 15.02 -9.64
N TRP A 399 13.71 15.80 -10.70
CA TRP A 399 13.64 15.26 -12.06
C TRP A 399 14.38 16.20 -13.01
N THR A 400 14.73 15.67 -14.18
CA THR A 400 15.40 16.45 -15.20
C THR A 400 14.97 15.98 -16.57
N ARG A 401 14.71 16.94 -17.47
CA ARG A 401 14.45 16.61 -18.86
C ARG A 401 15.73 16.32 -19.64
N ASP A 402 16.88 16.70 -19.08
CA ASP A 402 18.18 16.45 -19.71
C ASP A 402 18.56 14.99 -19.45
N ILE A 403 17.95 14.10 -20.21
CA ILE A 403 18.16 12.67 -20.03
C ILE A 403 19.60 12.31 -20.38
N GLU B 4 27.15 0.14 -5.80
CA GLU B 4 26.36 -1.07 -6.03
C GLU B 4 25.39 -1.29 -4.87
N ILE B 5 24.48 -2.24 -5.04
CA ILE B 5 23.39 -2.45 -4.09
C ILE B 5 23.90 -3.20 -2.87
N ASN B 6 23.25 -2.95 -1.73
CA ASN B 6 23.62 -3.57 -0.47
C ASN B 6 22.99 -4.97 -0.35
N GLU B 7 23.60 -5.79 0.50
CA GLU B 7 23.00 -7.04 0.94
C GLU B 7 22.09 -6.76 2.13
N VAL B 8 20.94 -7.42 2.16
CA VAL B 8 19.95 -7.20 3.21
C VAL B 8 19.82 -8.47 4.05
N VAL B 9 19.65 -8.28 5.36
CA VAL B 9 19.49 -9.38 6.30
C VAL B 9 18.29 -9.10 7.19
N VAL B 10 17.78 -10.17 7.79
CA VAL B 10 16.71 -10.10 8.78
C VAL B 10 17.32 -10.32 10.15
N VAL B 11 16.99 -9.45 11.10
CA VAL B 11 17.56 -9.51 12.44
C VAL B 11 16.55 -9.91 13.50
N GLY B 12 15.27 -9.69 13.28
CA GLY B 12 14.26 -10.08 14.24
C GLY B 12 12.97 -10.45 13.52
N MET B 13 12.25 -11.42 14.09
CA MET B 13 11.03 -11.91 13.47
C MET B 13 10.08 -12.38 14.58
N ALA B 14 8.79 -12.12 14.38
CA ALA B 14 7.79 -12.53 15.35
C ALA B 14 6.41 -12.51 14.69
N ARG B 15 5.51 -13.30 15.26
CA ARG B 15 4.11 -13.29 14.85
C ARG B 15 3.26 -13.61 16.07
N THR B 16 2.01 -13.16 16.02
CA THR B 16 1.03 -13.56 17.02
C THR B 16 0.46 -14.91 16.62
N PRO B 17 -0.29 -15.56 17.52
CA PRO B 17 -1.04 -16.75 17.11
C PRO B 17 -2.05 -16.39 16.04
N ILE B 18 -2.43 -17.39 15.25
CA ILE B 18 -3.45 -17.23 14.22
C ILE B 18 -4.79 -17.56 14.84
N GLY B 19 -5.60 -16.53 15.09
CA GLY B 19 -6.88 -16.72 15.75
C GLY B 19 -8.00 -17.05 14.78
N ARG B 20 -9.04 -17.65 15.34
CA ARG B 20 -10.22 -18.00 14.55
C ARG B 20 -11.03 -16.75 14.22
N TYR B 21 -11.70 -16.79 13.06
CA TYR B 21 -12.65 -15.75 12.71
C TYR B 21 -13.65 -15.56 13.83
N LEU B 22 -13.66 -14.38 14.43
CA LEU B 22 -14.53 -14.08 15.56
C LEU B 22 -14.19 -14.97 16.76
N GLY B 23 -12.90 -15.28 16.92
CA GLY B 23 -12.48 -16.20 17.96
C GLY B 23 -11.65 -15.54 19.06
N GLY B 24 -10.50 -16.13 19.36
CA GLY B 24 -9.74 -15.69 20.52
C GLY B 24 -9.25 -14.26 20.42
N LEU B 25 -8.95 -13.79 19.21
CA LEU B 25 -8.39 -12.46 19.01
C LEU B 25 -9.41 -11.48 18.44
N ALA B 26 -10.69 -11.83 18.40
CA ALA B 26 -11.70 -10.96 17.82
C ALA B 26 -11.77 -9.61 18.52
N SER B 27 -11.32 -9.53 19.78
CA SER B 27 -11.36 -8.30 20.55
C SER B 27 -10.14 -7.41 20.32
N VAL B 28 -9.16 -7.87 19.54
CA VAL B 28 -7.91 -7.15 19.33
C VAL B 28 -7.91 -6.59 17.92
N ARG B 29 -7.97 -5.28 17.80
CA ARG B 29 -7.97 -4.65 16.48
C ARG B 29 -6.60 -4.83 15.80
N ALA B 30 -6.60 -4.63 14.48
CA ALA B 30 -5.41 -4.95 13.69
C ALA B 30 -4.19 -4.19 14.19
N ASN B 31 -4.35 -2.91 14.55
CA ASN B 31 -3.20 -2.11 14.94
C ASN B 31 -2.57 -2.60 16.23
N ASP B 32 -3.37 -3.10 17.16
CA ASP B 32 -2.83 -3.56 18.43
C ASP B 32 -2.16 -4.93 18.31
N LEU B 33 -2.62 -5.76 17.36
CA LEU B 33 -1.88 -6.97 17.03
C LEU B 33 -0.55 -6.63 16.36
N ALA B 34 -0.57 -5.65 15.45
CA ALA B 34 0.65 -5.22 14.79
C ALA B 34 1.67 -4.70 15.80
N ILE B 35 1.21 -3.96 16.81
CA ILE B 35 2.11 -3.41 17.81
C ILE B 35 2.79 -4.53 18.59
N ILE B 36 2.03 -5.57 18.95
CA ILE B 36 2.60 -6.67 19.71
C ILE B 36 3.64 -7.42 18.87
N ALA B 37 3.30 -7.71 17.62
CA ALA B 37 4.25 -8.40 16.75
C ALA B 37 5.47 -7.54 16.45
N ALA B 38 5.26 -6.24 16.24
CA ALA B 38 6.38 -5.35 15.93
C ALA B 38 7.32 -5.23 17.12
N ASN B 39 6.78 -5.05 18.33
CA ASN B 39 7.63 -4.96 19.51
C ASN B 39 8.42 -6.24 19.71
N ALA B 40 7.81 -7.40 19.46
CA ALA B 40 8.51 -8.67 19.59
C ALA B 40 9.69 -8.73 18.63
N ALA B 41 9.46 -8.41 17.36
CA ALA B 41 10.54 -8.44 16.38
C ALA B 41 11.65 -7.46 16.75
N ILE B 42 11.28 -6.27 17.22
CA ILE B 42 12.27 -5.24 17.55
C ILE B 42 13.11 -5.69 18.73
N GLU B 43 12.47 -6.20 19.79
CA GLU B 43 13.22 -6.67 20.94
C GLU B 43 14.13 -7.83 20.57
N ARG B 44 13.60 -8.81 19.82
CA ARG B 44 14.40 -9.97 19.46
C ARG B 44 15.61 -9.56 18.64
N ALA B 45 15.46 -8.57 17.76
CA ALA B 45 16.60 -8.07 17.00
C ALA B 45 17.62 -7.39 17.91
N GLY B 46 17.17 -6.83 19.04
CA GLY B 46 18.07 -6.09 19.89
C GLY B 46 18.41 -4.71 19.38
N VAL B 47 17.52 -4.11 18.59
CA VAL B 47 17.74 -2.80 17.99
C VAL B 47 16.94 -1.76 18.77
N ASP B 48 17.53 -0.59 18.96
CA ASP B 48 16.80 0.53 19.56
C ASP B 48 15.75 1.01 18.57
N PRO B 49 14.46 1.01 18.92
CA PRO B 49 13.45 1.47 17.95
C PRO B 49 13.66 2.90 17.49
N GLY B 50 14.42 3.72 18.22
CA GLY B 50 14.60 5.11 17.89
C GLY B 50 15.44 5.36 16.65
N ILE B 51 16.13 4.34 16.13
CA ILE B 51 16.98 4.50 14.96
C ILE B 51 16.43 3.79 13.73
N ILE B 52 15.28 3.12 13.85
CA ILE B 52 14.66 2.47 12.69
C ILE B 52 14.25 3.54 11.70
N ASP B 53 14.56 3.33 10.42
CA ASP B 53 14.42 4.38 9.43
C ASP B 53 12.99 4.51 8.90
N GLU B 54 12.21 3.42 8.92
CA GLU B 54 10.87 3.45 8.34
C GLU B 54 10.09 2.26 8.86
N ILE B 55 8.79 2.28 8.57
CA ILE B 55 7.94 1.11 8.70
C ILE B 55 7.18 0.95 7.39
N VAL B 56 7.21 -0.26 6.84
CA VAL B 56 6.40 -0.63 5.69
C VAL B 56 5.34 -1.58 6.20
N GLY B 57 4.10 -1.11 6.28
CA GLY B 57 3.01 -1.86 6.86
C GLY B 57 2.18 -2.55 5.78
N ALA B 58 1.93 -3.83 5.99
CA ALA B 58 1.13 -4.64 5.08
C ALA B 58 -0.22 -4.95 5.71
N THR B 59 -1.27 -4.85 4.91
CA THR B 59 -2.62 -5.21 5.31
C THR B 59 -3.51 -5.17 4.08
N CYS B 60 -4.53 -6.02 4.08
CA CYS B 60 -5.43 -6.08 2.93
C CYS B 60 -6.65 -5.17 3.11
N LEU B 61 -7.18 -5.07 4.33
CA LEU B 61 -8.39 -4.26 4.60
C LEU B 61 -8.03 -3.13 5.58
N HIS B 62 -7.71 -1.98 5.00
CA HIS B 62 -7.42 -0.77 5.79
C HIS B 62 -8.61 -0.32 6.61
N ALA B 63 -9.81 -0.36 6.03
CA ALA B 63 -10.97 0.31 6.58
C ALA B 63 -11.13 0.05 8.07
N GLY B 64 -11.36 1.12 8.83
CA GLY B 64 -11.67 1.05 10.24
C GLY B 64 -10.49 1.21 11.17
N ASN B 65 -9.27 1.18 10.65
CA ASN B 65 -8.07 1.17 11.48
C ASN B 65 -7.36 2.52 11.55
N GLY B 66 -8.02 3.60 11.12
CA GLY B 66 -7.50 4.94 11.32
C GLY B 66 -6.59 5.42 10.21
N SER B 67 -6.05 6.62 10.42
CA SER B 67 -5.20 7.27 9.44
C SER B 67 -3.83 6.60 9.41
N LEU B 68 -3.42 6.13 8.22
CA LEU B 68 -2.15 5.47 8.00
C LEU B 68 -1.75 4.64 9.22
N PRO B 69 -2.37 3.49 9.43
CA PRO B 69 -2.12 2.70 10.64
C PRO B 69 -0.65 2.42 10.86
N PRO B 70 0.11 2.10 9.80
CA PRO B 70 1.55 1.82 10.01
C PRO B 70 2.29 2.96 10.69
N ARG B 71 1.91 4.22 10.43
CA ARG B 71 2.50 5.33 11.15
C ARG B 71 2.08 5.31 12.62
N ILE B 72 0.82 4.94 12.89
CA ILE B 72 0.39 4.77 14.27
C ILE B 72 1.17 3.64 14.94
N ILE B 73 1.34 2.52 14.23
CA ILE B 73 2.03 1.37 14.80
C ILE B 73 3.51 1.70 15.03
N GLY B 74 4.12 2.44 14.10
CA GLY B 74 5.54 2.76 14.25
C GLY B 74 5.81 3.68 15.42
N MET B 75 5.00 4.73 15.55
CA MET B 75 5.19 5.68 16.64
C MET B 75 4.97 5.01 18.00
N LYS B 76 4.03 4.06 18.07
CA LYS B 76 3.72 3.43 19.36
C LYS B 76 4.78 2.43 19.77
N VAL B 77 5.49 1.82 18.81
CA VAL B 77 6.63 0.98 19.14
C VAL B 77 7.93 1.76 19.21
N GLY B 78 7.88 3.08 19.06
CA GLY B 78 9.02 3.92 19.33
C GLY B 78 9.88 4.29 18.14
N LEU B 79 9.36 4.20 16.92
CA LEU B 79 10.11 4.69 15.78
C LEU B 79 10.27 6.20 15.90
N PRO B 80 11.35 6.77 15.37
CA PRO B 80 11.52 8.22 15.42
C PRO B 80 10.56 8.90 14.45
N VAL B 81 10.16 10.13 14.81
CA VAL B 81 9.22 10.87 13.97
C VAL B 81 9.81 11.15 12.59
N ARG B 82 11.14 11.09 12.46
CA ARG B 82 11.76 11.25 11.16
C ARG B 82 11.56 10.05 10.26
N SER B 83 11.16 8.91 10.81
CA SER B 83 11.10 7.67 10.05
C SER B 83 10.01 7.72 8.99
N GLY B 84 10.21 6.91 7.94
CA GLY B 84 9.21 6.81 6.91
C GLY B 84 8.06 5.89 7.29
N SER B 85 6.97 5.99 6.54
CA SER B 85 5.79 5.18 6.79
C SER B 85 5.00 5.05 5.50
N CYS B 86 4.45 3.85 5.28
CA CYS B 86 3.57 3.63 4.15
C CYS B 86 2.83 2.31 4.37
N MET B 87 1.73 2.15 3.65
CA MET B 87 0.88 0.97 3.74
C MET B 87 0.76 0.36 2.35
N VAL B 88 1.03 -0.94 2.25
CA VAL B 88 1.07 -1.64 0.97
C VAL B 88 0.06 -2.78 1.01
N SER B 89 -0.50 -3.10 -0.14
CA SER B 89 -1.43 -4.20 -0.28
C SER B 89 -1.19 -4.93 -1.59
N GLN B 90 -0.99 -6.24 -1.50
CA GLN B 90 -1.01 -7.15 -2.64
C GLN B 90 -1.84 -8.39 -2.27
N ASN B 91 -3.02 -8.13 -1.71
CA ASN B 91 -3.90 -9.17 -1.18
C ASN B 91 -3.12 -10.15 -0.30
N CYS B 92 -3.06 -11.43 -0.70
CA CYS B 92 -2.46 -12.43 0.18
C CYS B 92 -0.95 -12.23 0.31
N ALA B 93 -0.31 -11.64 -0.70
CA ALA B 93 1.13 -11.40 -0.67
C ALA B 93 1.47 -10.01 -0.12
N SER B 94 0.54 -9.38 0.59
CA SER B 94 0.79 -8.05 1.13
C SER B 94 2.06 -8.03 1.97
N GLY B 95 2.18 -8.97 2.90
CA GLY B 95 3.35 -9.00 3.77
C GLY B 95 4.64 -9.26 3.01
N MET B 96 4.56 -10.02 1.91
CA MET B 96 5.76 -10.30 1.11
C MET B 96 6.14 -9.13 0.22
N ARG B 97 5.17 -8.30 -0.18
CA ARG B 97 5.48 -7.11 -0.95
C ARG B 97 6.00 -6.00 -0.05
N ALA B 98 5.45 -5.86 1.16
CA ALA B 98 6.04 -4.96 2.14
C ALA B 98 7.50 -5.32 2.39
N THR B 99 7.80 -6.62 2.45
CA THR B 99 9.18 -7.06 2.64
C THR B 99 10.05 -6.61 1.47
N GLU B 100 9.56 -6.74 0.24
CA GLU B 100 10.34 -6.31 -0.91
C GLU B 100 10.58 -4.81 -0.89
N ILE B 101 9.51 -4.03 -0.71
CA ILE B 101 9.64 -2.57 -0.71
C ILE B 101 10.70 -2.13 0.29
N ALA B 102 10.65 -2.69 1.50
CA ALA B 102 11.63 -2.33 2.52
C ALA B 102 13.02 -2.79 2.13
N CYS B 103 13.15 -4.02 1.64
CA CYS B 103 14.47 -4.55 1.31
C CYS B 103 15.10 -3.78 0.16
N GLN B 104 14.32 -3.44 -0.87
CA GLN B 104 14.86 -2.69 -1.98
C GLN B 104 15.25 -1.27 -1.56
N ASN B 105 14.54 -0.70 -0.60
CA ASN B 105 14.98 0.57 -0.02
C ASN B 105 16.34 0.40 0.66
N ILE B 106 16.55 -0.73 1.33
CA ILE B 106 17.84 -0.98 1.96
C ILE B 106 18.89 -1.29 0.89
N MET B 107 18.51 -2.02 -0.16
CA MET B 107 19.45 -2.32 -1.24
C MET B 107 20.03 -1.04 -1.82
N LEU B 108 19.21 0.01 -1.97
CA LEU B 108 19.61 1.22 -2.65
C LEU B 108 20.16 2.29 -1.71
N GLY B 109 20.37 1.96 -0.44
CA GLY B 109 20.91 2.91 0.51
C GLY B 109 19.92 3.93 1.03
N LYS B 110 18.64 3.83 0.63
CA LYS B 110 17.65 4.80 1.11
C LYS B 110 17.39 4.64 2.60
N THR B 111 17.52 3.43 3.13
CA THR B 111 17.39 3.18 4.55
C THR B 111 18.40 2.13 4.97
N ASP B 112 18.77 2.15 6.26
CA ASP B 112 19.64 1.15 6.84
C ASP B 112 18.87 0.11 7.65
N ILE B 113 17.79 0.51 8.31
CA ILE B 113 16.96 -0.37 9.12
C ILE B 113 15.51 -0.10 8.78
N SER B 114 14.77 -1.14 8.43
CA SER B 114 13.37 -1.01 8.05
C SER B 114 12.54 -2.01 8.84
N LEU B 115 11.44 -1.53 9.41
CA LEU B 115 10.47 -2.39 10.08
C LEU B 115 9.37 -2.74 9.08
N VAL B 116 9.01 -4.01 9.01
CA VAL B 116 7.92 -4.49 8.17
C VAL B 116 6.88 -5.13 9.08
N THR B 117 5.65 -4.62 9.03
CA THR B 117 4.53 -5.21 9.76
C THR B 117 3.51 -5.72 8.75
N ALA B 118 2.91 -6.87 9.08
CA ALA B 118 1.90 -7.49 8.23
C ALA B 118 0.79 -7.99 9.14
N VAL B 119 -0.43 -7.51 8.91
CA VAL B 119 -1.52 -7.75 9.85
C VAL B 119 -2.84 -7.87 9.08
N GLU B 120 -3.73 -8.69 9.63
CA GLU B 120 -5.11 -8.77 9.14
C GLU B 120 -5.98 -9.22 10.30
N SER B 121 -6.86 -8.36 10.77
CA SER B 121 -7.85 -8.70 11.79
C SER B 121 -9.19 -8.80 11.07
N MET B 122 -9.42 -9.95 10.43
CA MET B 122 -10.62 -10.13 9.62
C MET B 122 -11.87 -10.18 10.48
N SER B 123 -11.73 -10.50 11.77
CA SER B 123 -12.88 -10.45 12.67
C SER B 123 -13.40 -9.04 12.88
N ASN B 124 -12.57 -8.02 12.64
CA ASN B 124 -12.94 -6.63 12.89
C ASN B 124 -12.97 -5.81 11.61
N ILE B 125 -13.11 -6.44 10.45
CA ILE B 125 -13.33 -5.68 9.22
C ILE B 125 -14.73 -5.08 9.26
N PRO B 126 -14.90 -3.79 9.02
CA PRO B 126 -16.23 -3.19 9.10
C PRO B 126 -17.09 -3.56 7.89
N TYR B 127 -18.34 -3.14 7.96
CA TYR B 127 -19.25 -3.14 6.82
C TYR B 127 -19.31 -1.73 6.24
N LEU B 128 -19.63 -1.65 4.95
CA LEU B 128 -19.63 -0.39 4.23
C LEU B 128 -21.05 0.04 3.87
N LEU B 129 -21.28 1.36 3.91
CA LEU B 129 -22.49 1.98 3.37
C LEU B 129 -22.03 2.86 2.20
N GLN B 130 -22.16 2.34 0.98
CA GLN B 130 -21.56 3.00 -0.18
C GLN B 130 -22.28 4.30 -0.51
N GLN B 131 -23.60 4.34 -0.37
CA GLN B 131 -24.40 5.49 -0.75
C GLN B 131 -24.74 6.39 0.42
N ALA B 132 -24.10 6.20 1.57
CA ALA B 132 -24.45 7.00 2.75
C ALA B 132 -24.05 8.45 2.59
N ARG B 133 -22.98 8.74 1.85
CA ARG B 133 -22.51 10.11 1.70
C ARG B 133 -23.53 10.95 0.94
N SER B 134 -23.81 10.59 -0.31
CA SER B 134 -24.75 11.34 -1.13
C SER B 134 -26.20 10.92 -0.90
N GLY B 135 -26.43 9.78 -0.29
CA GLY B 135 -27.77 9.33 0.03
C GLY B 135 -28.27 8.27 -0.93
N TYR B 136 -29.10 7.37 -0.40
CA TYR B 136 -29.76 6.37 -1.23
C TYR B 136 -30.96 6.95 -1.98
N ARG B 137 -31.37 8.17 -1.65
CA ARG B 137 -32.45 8.87 -2.36
C ARG B 137 -33.77 8.12 -2.26
N MET B 138 -33.83 6.90 -2.80
CA MET B 138 -35.04 6.09 -2.72
C MET B 138 -34.68 4.67 -3.06
N GLY B 139 -35.40 3.72 -2.47
CA GLY B 139 -35.18 2.31 -2.72
C GLY B 139 -34.09 1.72 -1.85
N ASP B 140 -34.07 0.39 -1.80
CA ASP B 140 -33.12 -0.32 -0.98
C ASP B 140 -31.72 -0.23 -1.56
N GLY B 141 -30.73 -0.45 -0.70
CA GLY B 141 -29.36 -0.61 -1.12
C GLY B 141 -28.76 -1.85 -0.49
N LYS B 142 -27.43 -1.93 -0.44
CA LYS B 142 -26.73 -3.06 0.17
C LYS B 142 -25.79 -2.53 1.24
N VAL B 143 -25.80 -3.18 2.39
CA VAL B 143 -24.78 -3.00 3.41
C VAL B 143 -23.75 -4.11 3.19
N GLN B 144 -22.55 -3.72 2.76
CA GLN B 144 -21.60 -4.65 2.17
C GLN B 144 -20.60 -5.16 3.19
N ASP B 145 -20.35 -6.46 3.17
CA ASP B 145 -19.28 -7.06 3.94
C ASP B 145 -17.96 -6.78 3.21
N ALA B 146 -17.17 -5.84 3.74
CA ALA B 146 -15.96 -5.41 3.04
C ALA B 146 -14.96 -6.55 2.88
N MET B 147 -14.91 -7.48 3.84
CA MET B 147 -14.01 -8.62 3.71
C MET B 147 -14.28 -9.38 2.42
N LEU B 148 -15.53 -9.36 1.94
CA LEU B 148 -15.88 -10.02 0.69
C LEU B 148 -15.77 -9.06 -0.49
N SER B 149 -16.48 -7.93 -0.43
CA SER B 149 -16.58 -7.05 -1.59
C SER B 149 -15.25 -6.38 -1.90
N ASP B 150 -14.44 -6.08 -0.88
CA ASP B 150 -13.16 -5.40 -1.07
C ASP B 150 -11.97 -6.34 -0.93
N GLY B 151 -12.20 -7.65 -0.84
CA GLY B 151 -11.11 -8.59 -0.61
C GLY B 151 -11.32 -9.97 -1.20
N LEU B 152 -12.21 -10.76 -0.58
CA LEU B 152 -12.33 -12.16 -0.98
C LEU B 152 -13.06 -12.31 -2.30
N VAL B 153 -14.02 -11.44 -2.60
CA VAL B 153 -14.75 -11.50 -3.86
C VAL B 153 -13.95 -10.70 -4.89
N CYS B 154 -13.43 -11.40 -5.90
CA CYS B 154 -12.66 -10.78 -6.96
C CYS B 154 -13.57 -10.45 -8.14
N GLN B 155 -13.56 -9.18 -8.55
CA GLN B 155 -14.38 -8.77 -9.69
C GLN B 155 -13.92 -9.47 -10.96
N LEU B 156 -12.61 -9.55 -11.18
CA LEU B 156 -12.10 -10.21 -12.38
C LEU B 156 -12.47 -11.68 -12.40
N ALA B 157 -12.49 -12.33 -11.23
CA ALA B 157 -12.83 -13.75 -11.16
C ALA B 157 -14.32 -13.99 -11.23
N GLY B 158 -15.14 -13.00 -10.87
CA GLY B 158 -16.58 -13.13 -10.90
C GLY B 158 -17.20 -13.61 -9.61
N GLY B 159 -16.41 -14.13 -8.68
CA GLY B 159 -16.97 -14.60 -7.43
C GLY B 159 -15.90 -14.80 -6.39
N HIS B 160 -16.29 -15.49 -5.32
CA HIS B 160 -15.40 -15.77 -4.20
C HIS B 160 -14.11 -16.42 -4.65
N MET B 161 -13.04 -16.29 -3.84
CA MET B 161 -11.80 -16.98 -4.16
C MET B 161 -12.03 -18.48 -4.35
N GLY B 162 -12.93 -19.05 -3.56
CA GLY B 162 -13.21 -20.48 -3.67
C GLY B 162 -13.61 -20.88 -5.08
N MET B 163 -14.26 -19.98 -5.81
CA MET B 163 -14.65 -20.28 -7.19
C MET B 163 -13.42 -20.47 -8.07
N THR B 164 -12.38 -19.64 -7.87
CA THR B 164 -11.17 -19.79 -8.66
C THR B 164 -10.46 -21.10 -8.33
N ALA B 165 -10.58 -21.57 -7.09
CA ALA B 165 -10.07 -22.90 -6.77
C ALA B 165 -10.86 -23.97 -7.50
N GLU B 166 -12.18 -23.77 -7.65
CA GLU B 166 -12.98 -24.71 -8.42
C GLU B 166 -12.54 -24.74 -9.87
N ASN B 167 -12.12 -23.61 -10.40
CA ASN B 167 -11.61 -23.58 -11.78
C ASN B 167 -10.36 -24.42 -11.91
N ILE B 168 -9.44 -24.32 -10.93
CA ILE B 168 -8.22 -25.11 -10.98
C ILE B 168 -8.56 -26.59 -10.90
N ALA B 169 -9.48 -26.96 -10.01
CA ALA B 169 -9.89 -28.35 -9.91
C ALA B 169 -10.49 -28.85 -11.23
N GLU B 170 -11.30 -28.01 -11.88
CA GLU B 170 -11.89 -28.40 -13.16
C GLU B 170 -10.84 -28.55 -14.24
N LYS B 171 -9.98 -27.54 -14.40
CA LYS B 171 -8.99 -27.57 -15.48
C LYS B 171 -8.11 -28.81 -15.39
N TYR B 172 -7.53 -29.06 -14.22
CA TYR B 172 -6.66 -30.21 -14.02
C TYR B 172 -7.41 -31.44 -13.54
N GLY B 173 -8.73 -31.36 -13.37
CA GLY B 173 -9.51 -32.50 -12.97
C GLY B 173 -9.14 -33.05 -11.62
N ILE B 174 -9.04 -32.17 -10.63
CA ILE B 174 -8.78 -32.57 -9.25
C ILE B 174 -10.10 -32.92 -8.60
N THR B 175 -10.12 -34.03 -7.88
CA THR B 175 -11.35 -34.56 -7.29
C THR B 175 -11.41 -34.29 -5.80
N ARG B 176 -12.62 -34.40 -5.25
CA ARG B 176 -12.83 -34.18 -3.83
C ARG B 176 -11.95 -35.09 -2.98
N GLU B 177 -11.69 -36.31 -3.45
CA GLU B 177 -10.90 -37.25 -2.66
C GLU B 177 -9.46 -36.77 -2.52
N GLU B 178 -8.86 -36.32 -3.63
CA GLU B 178 -7.49 -35.80 -3.55
C GLU B 178 -7.42 -34.55 -2.68
N CYS B 179 -8.42 -33.68 -2.79
CA CYS B 179 -8.42 -32.46 -2.00
C CYS B 179 -8.56 -32.76 -0.51
N ASP B 180 -9.46 -33.67 -0.14
CA ASP B 180 -9.65 -33.98 1.26
C ASP B 180 -8.43 -34.67 1.85
N ALA B 181 -7.76 -35.50 1.05
CA ALA B 181 -6.55 -36.18 1.53
C ALA B 181 -5.48 -35.17 1.91
N LEU B 182 -5.13 -34.28 0.98
CA LEU B 182 -4.14 -33.24 1.29
C LEU B 182 -4.58 -32.39 2.47
N ALA B 183 -5.84 -31.95 2.46
CA ALA B 183 -6.33 -31.07 3.50
C ALA B 183 -6.19 -31.72 4.88
N LEU B 184 -6.46 -33.02 4.97
CA LEU B 184 -6.34 -33.69 6.26
C LEU B 184 -4.94 -33.55 6.83
N THR B 185 -3.92 -33.83 6.02
CA THR B 185 -2.55 -33.75 6.51
C THR B 185 -2.23 -32.36 7.05
N SER B 186 -2.79 -31.32 6.43
CA SER B 186 -2.55 -29.96 6.91
C SER B 186 -3.15 -29.77 8.30
N HIS B 187 -4.42 -30.15 8.47
CA HIS B 187 -5.04 -30.10 9.79
C HIS B 187 -4.27 -30.96 10.79
N GLN B 188 -3.88 -32.17 10.37
CA GLN B 188 -3.15 -33.07 11.27
C GLN B 188 -1.75 -32.55 11.57
N ASN B 189 -1.01 -32.15 10.53
CA ASN B 189 0.30 -31.58 10.74
C ASN B 189 0.23 -30.33 11.60
N ALA B 190 -0.74 -29.46 11.33
CA ALA B 190 -0.92 -28.26 12.14
C ALA B 190 -1.20 -28.64 13.59
N VAL B 191 -2.15 -29.54 13.82
CA VAL B 191 -2.43 -30.02 15.17
C VAL B 191 -1.14 -30.53 15.82
N LYS B 192 -0.40 -31.37 15.09
CA LYS B 192 0.83 -31.93 15.62
C LYS B 192 1.78 -30.83 16.11
N ALA B 193 2.11 -29.88 15.23
CA ALA B 193 3.09 -28.86 15.57
C ALA B 193 2.58 -27.93 16.66
N VAL B 194 1.28 -27.63 16.67
CA VAL B 194 0.73 -26.74 17.68
C VAL B 194 0.91 -27.33 19.07
N ASP B 195 0.44 -28.57 19.27
CA ASP B 195 0.49 -29.17 20.60
C ASP B 195 1.92 -29.46 21.02
N GLU B 196 2.82 -29.75 20.08
CA GLU B 196 4.21 -30.04 20.40
C GLU B 196 5.03 -28.78 20.64
N GLY B 197 4.47 -27.60 20.40
CA GLY B 197 5.18 -26.37 20.67
C GLY B 197 6.17 -25.95 19.61
N ILE B 198 6.02 -26.43 18.37
CA ILE B 198 6.96 -26.08 17.33
C ILE B 198 6.89 -24.59 17.00
N PHE B 199 5.73 -23.97 17.20
CA PHE B 199 5.55 -22.56 16.90
C PHE B 199 5.83 -21.64 18.10
N ASP B 200 6.27 -22.20 19.23
CA ASP B 200 6.43 -21.39 20.43
C ASP B 200 7.53 -20.34 20.26
N ARG B 201 8.59 -20.67 19.52
CA ARG B 201 9.70 -19.72 19.37
C ARG B 201 9.26 -18.48 18.58
N GLU B 202 8.59 -18.69 17.45
CA GLU B 202 8.22 -17.57 16.59
C GLU B 202 7.06 -16.76 17.15
N ILE B 203 6.21 -17.37 17.97
CA ILE B 203 5.00 -16.72 18.43
C ILE B 203 5.33 -15.75 19.55
N VAL B 204 4.62 -14.62 19.57
CA VAL B 204 4.55 -13.74 20.73
C VAL B 204 3.09 -13.75 21.19
N PRO B 205 2.81 -14.05 22.46
CA PRO B 205 1.41 -14.20 22.87
C PRO B 205 0.67 -12.87 22.87
N VAL B 206 -0.65 -12.96 22.71
CA VAL B 206 -1.54 -11.81 22.77
C VAL B 206 -2.37 -11.92 24.05
N VAL B 207 -2.36 -10.86 24.85
CA VAL B 207 -2.98 -10.86 26.16
C VAL B 207 -4.30 -10.10 26.07
N ILE B 208 -5.40 -10.77 26.39
CA ILE B 208 -6.73 -10.15 26.40
C ILE B 208 -6.98 -9.60 27.80
N LYS B 209 -7.19 -8.29 27.89
CA LYS B 209 -7.33 -7.62 29.19
C LYS B 209 -8.81 -7.58 29.59
N SER B 210 -9.33 -8.76 29.91
CA SER B 210 -10.70 -8.86 30.40
C SER B 210 -10.82 -8.17 31.75
N LYS B 211 -12.06 -7.86 32.14
CA LYS B 211 -12.30 -7.16 33.39
C LYS B 211 -12.13 -8.09 34.59
N LYS B 212 -12.86 -9.21 34.59
CA LYS B 212 -12.77 -10.15 35.71
C LYS B 212 -11.38 -10.76 35.80
N GLY B 213 -10.77 -11.06 34.66
CA GLY B 213 -9.46 -11.69 34.64
C GLY B 213 -8.61 -11.27 33.48
N ASP B 214 -7.53 -12.02 33.22
CA ASP B 214 -6.60 -11.71 32.15
C ASP B 214 -6.27 -13.00 31.41
N LYS B 215 -6.73 -13.13 30.18
CA LYS B 215 -6.52 -14.30 29.35
C LYS B 215 -5.39 -14.07 28.37
N VAL B 216 -4.79 -15.17 27.92
CA VAL B 216 -3.61 -15.15 27.06
C VAL B 216 -3.83 -16.09 25.90
N ILE B 217 -3.59 -15.61 24.68
CA ILE B 217 -3.65 -16.41 23.47
C ILE B 217 -2.23 -16.66 23.02
N SER B 218 -1.81 -17.94 23.04
CA SER B 218 -0.46 -18.32 22.68
C SER B 218 -0.40 -19.42 21.64
N LYS B 219 -1.54 -19.96 21.21
CA LYS B 219 -1.58 -21.11 20.32
C LYS B 219 -2.49 -20.82 19.13
N ASP B 220 -2.08 -21.30 17.97
CA ASP B 220 -2.93 -21.22 16.78
C ASP B 220 -4.15 -22.10 16.97
N GLU B 221 -5.32 -21.59 16.58
CA GLU B 221 -6.59 -22.20 16.96
C GLU B 221 -7.48 -22.56 15.78
N HIS B 222 -6.96 -22.52 14.55
CA HIS B 222 -7.78 -22.88 13.40
C HIS B 222 -7.87 -24.38 13.14
N PRO B 223 -6.81 -25.17 13.36
CA PRO B 223 -6.85 -26.55 12.86
C PRO B 223 -7.98 -27.35 13.48
N ILE B 224 -8.54 -28.27 12.68
CA ILE B 224 -9.66 -29.10 13.09
C ILE B 224 -9.10 -30.34 13.79
N ARG B 225 -9.47 -30.53 15.04
CA ARG B 225 -8.98 -31.66 15.82
C ARG B 225 -9.74 -32.93 15.48
N GLY B 226 -9.02 -34.05 15.52
CA GLY B 226 -9.64 -35.34 15.25
C GLY B 226 -10.08 -35.54 13.82
N ALA B 227 -9.50 -34.79 12.88
CA ALA B 227 -9.88 -34.93 11.48
C ALA B 227 -9.54 -36.32 10.98
N SER B 228 -10.46 -36.91 10.23
CA SER B 228 -10.26 -38.19 9.56
C SER B 228 -10.70 -38.07 8.11
N LEU B 229 -10.23 -39.01 7.28
CA LEU B 229 -10.54 -38.95 5.86
C LEU B 229 -12.04 -39.04 5.62
N GLU B 230 -12.78 -39.71 6.51
CA GLU B 230 -14.23 -39.81 6.34
C GLU B 230 -14.97 -38.60 6.89
N THR B 231 -14.39 -37.91 7.88
CA THR B 231 -14.98 -36.67 8.35
C THR B 231 -14.87 -35.57 7.30
N MET B 232 -13.75 -35.55 6.58
CA MET B 232 -13.58 -34.59 5.48
C MET B 232 -14.64 -34.80 4.41
N ALA B 233 -15.05 -36.05 4.18
CA ALA B 233 -16.02 -36.36 3.15
C ALA B 233 -17.45 -36.02 3.54
N LYS B 234 -17.70 -35.69 4.80
CA LYS B 234 -19.05 -35.40 5.29
C LYS B 234 -19.45 -33.95 5.12
N LEU B 235 -18.52 -33.06 4.81
CA LEU B 235 -18.85 -31.64 4.69
C LEU B 235 -19.43 -31.34 3.31
N PRO B 236 -20.39 -30.43 3.22
CA PRO B 236 -20.97 -30.09 1.92
C PRO B 236 -20.09 -29.10 1.18
N PRO B 237 -20.29 -28.95 -0.14
CA PRO B 237 -19.55 -27.91 -0.87
C PRO B 237 -19.87 -26.53 -0.31
N ALA B 238 -18.84 -25.68 -0.23
CA ALA B 238 -18.96 -24.40 0.42
C ALA B 238 -19.24 -23.24 -0.53
N PHE B 239 -18.91 -23.38 -1.81
CA PHE B 239 -19.04 -22.28 -2.76
C PHE B 239 -19.71 -22.63 -4.07
N LYS B 240 -19.82 -23.91 -4.42
CA LYS B 240 -20.45 -24.29 -5.68
C LYS B 240 -21.19 -25.61 -5.50
N LYS B 241 -22.30 -25.75 -6.21
CA LYS B 241 -23.04 -27.00 -6.19
C LYS B 241 -22.16 -28.13 -6.70
N GLY B 242 -22.05 -29.20 -5.92
CA GLY B 242 -21.17 -30.29 -6.28
C GLY B 242 -19.72 -29.89 -6.41
N GLY B 243 -19.32 -28.76 -5.82
CA GLY B 243 -17.94 -28.33 -5.89
C GLY B 243 -17.05 -29.08 -4.92
N VAL B 244 -15.78 -29.20 -5.30
CA VAL B 244 -14.83 -29.96 -4.50
C VAL B 244 -14.29 -29.18 -3.31
N VAL B 245 -14.56 -27.87 -3.24
CA VAL B 245 -14.02 -27.03 -2.18
C VAL B 245 -14.99 -27.01 -1.00
N THR B 246 -14.46 -27.31 0.18
CA THR B 246 -15.23 -27.29 1.42
C THR B 246 -14.53 -26.37 2.42
N ALA B 247 -15.21 -26.14 3.55
CA ALA B 247 -14.62 -25.32 4.60
C ALA B 247 -13.39 -25.97 5.19
N ALA B 248 -13.29 -27.30 5.13
CA ALA B 248 -12.17 -28.00 5.74
C ALA B 248 -10.96 -28.05 4.82
N ASN B 249 -11.18 -28.23 3.52
CA ASN B 249 -10.09 -28.24 2.55
C ASN B 249 -9.81 -26.87 1.95
N ALA B 250 -10.45 -25.83 2.46
CA ALA B 250 -10.17 -24.46 2.07
C ALA B 250 -9.55 -23.71 3.24
N SER B 251 -8.62 -22.81 2.94
CA SER B 251 -8.04 -21.98 3.98
C SER B 251 -9.12 -21.14 4.65
N GLY B 252 -8.90 -20.81 5.91
CA GLY B 252 -9.92 -20.17 6.72
C GLY B 252 -9.84 -18.66 6.72
N ILE B 253 -10.70 -18.06 7.54
CA ILE B 253 -10.73 -16.63 7.81
C ILE B 253 -10.17 -16.46 9.22
N ASN B 254 -9.13 -15.65 9.37
CA ASN B 254 -8.36 -15.66 10.60
C ASN B 254 -7.70 -14.32 10.87
N ASP B 255 -7.33 -14.12 12.13
CA ASP B 255 -6.64 -12.91 12.59
C ASP B 255 -5.19 -13.22 12.89
N CYS B 256 -4.29 -12.29 12.56
CA CYS B 256 -2.88 -12.46 12.87
C CYS B 256 -2.12 -11.20 12.51
N ALA B 257 -0.95 -11.04 13.13
CA ALA B 257 0.01 -10.01 12.79
C ALA B 257 1.41 -10.59 12.86
N ALA B 258 2.22 -10.28 11.85
CA ALA B 258 3.63 -10.63 11.83
C ALA B 258 4.46 -9.37 11.65
N ALA B 259 5.72 -9.44 12.06
CA ALA B 259 6.62 -8.31 11.93
C ALA B 259 8.05 -8.80 11.77
N ALA B 260 8.89 -7.96 11.20
CA ALA B 260 10.29 -8.31 10.96
C ALA B 260 11.12 -7.04 10.87
N VAL B 261 12.35 -7.14 11.33
CA VAL B 261 13.33 -6.05 11.27
C VAL B 261 14.38 -6.43 10.24
N PHE B 262 14.47 -5.63 9.18
CA PHE B 262 15.43 -5.85 8.11
C PHE B 262 16.56 -4.83 8.22
N MET B 263 17.74 -5.21 7.72
CA MET B 263 18.91 -4.37 7.83
C MET B 263 19.87 -4.67 6.70
N SER B 264 20.63 -3.65 6.30
CA SER B 264 21.80 -3.88 5.48
C SER B 264 22.81 -4.71 6.27
N LYS B 265 23.48 -5.63 5.57
CA LYS B 265 24.49 -6.46 6.23
C LYS B 265 25.48 -5.62 7.02
N LYS B 266 25.89 -4.48 6.47
CA LYS B 266 26.91 -3.66 7.12
C LYS B 266 26.36 -2.90 8.31
N LYS B 267 25.07 -2.54 8.31
CA LYS B 267 24.49 -1.89 9.47
C LYS B 267 24.33 -2.87 10.62
N CYS B 268 23.97 -4.12 10.32
CA CYS B 268 23.86 -5.14 11.36
C CYS B 268 25.21 -5.38 12.01
N GLU B 269 26.29 -5.37 11.22
CA GLU B 269 27.62 -5.57 11.77
C GLU B 269 28.04 -4.38 12.63
N GLU B 270 27.71 -3.16 12.21
CA GLU B 270 28.10 -1.98 12.97
C GLU B 270 27.48 -1.99 14.36
N LEU B 271 26.25 -2.49 14.48
CA LEU B 271 25.55 -2.54 15.75
C LEU B 271 25.86 -3.80 16.56
N GLY B 272 26.68 -4.69 16.02
CA GLY B 272 27.02 -5.92 16.74
C GLY B 272 25.84 -6.85 16.94
N LEU B 273 24.94 -6.93 15.97
CA LEU B 273 23.76 -7.77 16.07
C LEU B 273 23.93 -9.05 15.24
N LYS B 274 23.02 -9.99 15.47
CA LYS B 274 23.10 -11.30 14.84
C LYS B 274 22.17 -11.36 13.64
N PRO B 275 22.68 -11.41 12.41
CA PRO B 275 21.78 -11.57 11.26
C PRO B 275 21.26 -13.00 11.18
N LEU B 276 19.93 -13.12 11.10
CA LEU B 276 19.31 -14.44 11.10
C LEU B 276 19.38 -15.10 9.72
N MET B 277 19.09 -14.34 8.66
CA MET B 277 19.24 -14.87 7.31
C MET B 277 19.31 -13.69 6.34
N LYS B 278 19.75 -14.00 5.13
CA LYS B 278 20.03 -12.99 4.11
C LYS B 278 19.06 -13.13 2.96
N LEU B 279 18.47 -12.02 2.54
CA LEU B 279 17.62 -12.00 1.36
C LEU B 279 18.41 -12.45 0.14
N VAL B 280 17.91 -13.48 -0.53
CA VAL B 280 18.51 -13.97 -1.78
C VAL B 280 17.76 -13.45 -2.98
N GLY B 281 16.44 -13.56 -2.97
CA GLY B 281 15.63 -13.08 -4.08
C GLY B 281 14.20 -12.89 -3.64
N ILE B 282 13.46 -12.14 -4.45
CA ILE B 282 12.06 -11.84 -4.16
C ILE B 282 11.48 -11.14 -5.38
N CYS B 283 10.31 -11.57 -5.82
CA CYS B 283 9.72 -11.01 -7.04
C CYS B 283 8.25 -11.41 -7.10
N SER B 284 7.55 -10.82 -8.06
CA SER B 284 6.16 -11.14 -8.34
C SER B 284 6.04 -11.74 -9.73
N GLU B 285 4.92 -12.41 -9.96
CA GLU B 285 4.59 -12.94 -11.28
C GLU B 285 3.13 -13.37 -11.29
N GLY B 286 2.35 -12.85 -12.23
CA GLY B 286 0.92 -13.01 -12.22
C GLY B 286 0.43 -14.15 -13.09
N VAL B 287 -0.80 -14.57 -12.80
CA VAL B 287 -1.56 -15.47 -13.65
C VAL B 287 -2.98 -14.89 -13.75
N ASP B 288 -3.76 -15.45 -14.66
CA ASP B 288 -5.12 -14.96 -14.87
C ASP B 288 -5.90 -15.02 -13.56
N ALA B 289 -6.65 -13.95 -13.27
CA ALA B 289 -7.38 -13.86 -12.01
C ALA B 289 -8.26 -15.09 -11.79
N LYS B 290 -8.82 -15.63 -12.86
CA LYS B 290 -9.74 -16.76 -12.73
C LYS B 290 -9.03 -18.05 -12.34
N VAL B 291 -7.70 -18.08 -12.36
CA VAL B 291 -6.95 -19.24 -11.88
C VAL B 291 -5.78 -18.72 -11.06
N MET B 292 -6.05 -17.70 -10.22
CA MET B 292 -5.00 -17.09 -9.41
C MET B 292 -4.21 -18.11 -8.61
N GLY B 293 -4.82 -19.25 -8.29
CA GLY B 293 -4.17 -20.21 -7.43
C GLY B 293 -2.85 -20.72 -7.97
N LEU B 294 -2.67 -20.70 -9.29
CA LEU B 294 -1.47 -21.23 -9.91
C LEU B 294 -0.29 -20.26 -9.89
N GLY B 295 -0.45 -19.08 -9.27
CA GLY B 295 0.60 -18.09 -9.24
C GLY B 295 1.93 -18.62 -8.78
N PRO B 296 1.96 -19.37 -7.68
CA PRO B 296 3.23 -19.92 -7.20
C PRO B 296 3.94 -20.78 -8.24
N ALA B 297 3.19 -21.39 -9.16
CA ALA B 297 3.83 -22.22 -10.18
C ALA B 297 4.59 -21.40 -11.20
N VAL B 298 4.36 -20.09 -11.27
CA VAL B 298 5.11 -19.20 -12.14
C VAL B 298 6.04 -18.28 -11.36
N ALA B 299 5.74 -17.98 -10.10
CA ALA B 299 6.62 -17.13 -9.31
C ALA B 299 7.82 -17.90 -8.79
N MET B 300 7.62 -19.14 -8.33
CA MET B 300 8.73 -19.92 -7.79
C MET B 300 9.82 -20.15 -8.82
N PRO B 301 9.54 -20.62 -10.03
CA PRO B 301 10.62 -20.76 -11.03
C PRO B 301 11.30 -19.44 -11.35
N LYS B 302 10.54 -18.34 -11.36
CA LYS B 302 11.12 -17.05 -11.71
C LYS B 302 12.16 -16.61 -10.68
N VAL B 303 11.78 -16.57 -9.40
CA VAL B 303 12.71 -16.14 -8.37
C VAL B 303 13.95 -17.03 -8.36
N LEU B 304 13.76 -18.33 -8.61
CA LEU B 304 14.91 -19.23 -8.67
C LEU B 304 15.85 -18.83 -9.80
N LYS B 305 15.30 -18.39 -10.93
CA LYS B 305 16.13 -17.93 -12.04
C LYS B 305 16.89 -16.66 -11.66
N GLN B 306 16.18 -15.68 -11.08
CA GLN B 306 16.82 -14.43 -10.69
C GLN B 306 18.01 -14.65 -9.77
N ALA B 307 17.96 -15.70 -8.94
CA ALA B 307 18.99 -15.96 -7.95
C ALA B 307 20.01 -17.00 -8.38
N GLY B 308 19.74 -17.74 -9.46
CA GLY B 308 20.67 -18.77 -9.90
C GLY B 308 20.56 -20.08 -9.15
N TRP B 309 19.47 -20.28 -8.42
CA TRP B 309 19.26 -21.52 -7.68
C TRP B 309 18.44 -22.50 -8.51
N LYS B 310 18.59 -23.79 -8.19
CA LYS B 310 17.69 -24.83 -8.64
C LYS B 310 16.72 -25.16 -7.51
N TYR B 311 15.53 -25.66 -7.89
CA TYR B 311 14.52 -25.96 -6.89
C TYR B 311 15.09 -26.86 -5.80
N GLU B 312 15.80 -27.93 -6.19
CA GLU B 312 16.34 -28.87 -5.24
C GLU B 312 17.38 -28.25 -4.31
N ASP B 313 17.82 -27.02 -4.57
CA ASP B 313 18.78 -26.36 -3.69
C ASP B 313 18.13 -25.85 -2.41
N VAL B 314 16.83 -25.55 -2.45
CA VAL B 314 16.15 -25.00 -1.30
C VAL B 314 15.95 -26.10 -0.26
N ASP B 315 16.35 -25.81 0.99
CA ASP B 315 16.27 -26.81 2.03
C ASP B 315 14.85 -26.95 2.58
N TYR B 316 14.05 -25.89 2.53
CA TYR B 316 12.69 -25.96 3.04
C TYR B 316 11.84 -24.89 2.36
N TRP B 317 10.58 -25.22 2.10
CA TRP B 317 9.66 -24.33 1.42
C TRP B 317 8.43 -24.08 2.29
N GLU B 318 7.94 -22.84 2.29
CA GLU B 318 6.65 -22.50 2.88
C GLU B 318 5.77 -22.00 1.74
N VAL B 319 4.93 -22.88 1.20
CA VAL B 319 4.00 -22.55 0.13
C VAL B 319 2.62 -22.50 0.74
N ASN B 320 2.04 -21.31 0.82
CA ASN B 320 0.73 -21.14 1.44
C ASN B 320 -0.32 -21.96 0.69
N GLU B 321 -1.05 -22.79 1.43
CA GLU B 321 -2.14 -23.58 0.88
C GLU B 321 -3.42 -22.77 1.05
N ALA B 322 -3.86 -22.10 -0.01
CA ALA B 322 -5.13 -21.38 0.02
C ALA B 322 -6.29 -22.36 -0.09
N PHE B 323 -6.21 -23.31 -1.01
CA PHE B 323 -7.19 -24.37 -1.14
C PHE B 323 -6.46 -25.65 -1.57
N ALA B 324 -6.96 -26.79 -1.13
CA ALA B 324 -6.33 -28.06 -1.48
C ALA B 324 -6.25 -28.22 -3.00
N ALA B 325 -7.35 -27.95 -3.70
CA ALA B 325 -7.32 -28.00 -5.16
C ALA B 325 -6.29 -27.01 -5.72
N GLN B 326 -6.18 -25.84 -5.10
CA GLN B 326 -5.21 -24.85 -5.57
C GLN B 326 -3.79 -25.40 -5.48
N VAL B 327 -3.45 -26.06 -4.38
CA VAL B 327 -2.11 -26.63 -4.22
C VAL B 327 -1.89 -27.72 -5.26
N LEU B 328 -2.81 -28.69 -5.32
CA LEU B 328 -2.65 -29.78 -6.28
C LEU B 328 -2.56 -29.25 -7.72
N GLY B 329 -3.16 -28.10 -8.00
CA GLY B 329 -2.96 -27.47 -9.28
C GLY B 329 -1.55 -26.93 -9.44
N VAL B 330 -0.98 -26.39 -8.36
CA VAL B 330 0.39 -25.91 -8.41
C VAL B 330 1.35 -27.08 -8.64
N VAL B 331 1.13 -28.19 -7.95
CA VAL B 331 1.95 -29.38 -8.17
C VAL B 331 1.91 -29.78 -9.64
N ARG B 332 0.72 -29.76 -10.24
CA ARG B 332 0.58 -30.18 -11.62
C ARG B 332 1.27 -29.20 -12.57
N MET B 333 1.00 -27.89 -12.41
CA MET B 333 1.63 -26.91 -13.30
C MET B 333 3.14 -26.93 -13.14
N LEU B 334 3.63 -27.11 -11.92
CA LEU B 334 5.07 -27.17 -11.71
C LEU B 334 5.69 -28.39 -12.38
N LYS B 335 4.91 -29.48 -12.53
CA LYS B 335 5.43 -30.66 -13.21
C LYS B 335 5.33 -30.51 -14.72
N GLU B 336 4.26 -29.89 -15.22
CA GLU B 336 3.99 -29.86 -16.65
C GLU B 336 4.76 -28.73 -17.34
N GLU B 337 4.58 -27.49 -16.88
CA GLU B 337 5.20 -26.34 -17.51
C GLU B 337 6.51 -25.94 -16.86
N ALA B 338 6.82 -26.47 -15.68
CA ALA B 338 8.14 -26.41 -15.09
C ALA B 338 8.66 -27.83 -14.92
N GLY B 339 9.95 -27.95 -14.62
CA GLY B 339 10.55 -29.26 -14.44
C GLY B 339 10.54 -29.69 -13.00
N ILE B 340 9.63 -29.14 -12.20
CA ILE B 340 9.67 -29.25 -10.75
C ILE B 340 8.71 -30.34 -10.30
N GLU B 341 9.19 -31.25 -9.47
CA GLU B 341 8.36 -32.19 -8.73
C GLU B 341 8.30 -31.67 -7.30
N LEU B 342 7.18 -31.04 -6.94
CA LEU B 342 7.06 -30.41 -5.63
C LEU B 342 7.47 -31.37 -4.52
N ASP B 343 8.48 -30.98 -3.74
CA ASP B 343 9.06 -31.84 -2.71
C ASP B 343 8.26 -31.66 -1.43
N PHE B 344 7.24 -32.52 -1.26
CA PHE B 344 6.42 -32.46 -0.06
C PHE B 344 7.20 -32.81 1.20
N SER B 345 8.34 -33.50 1.06
CA SER B 345 9.17 -33.81 2.21
C SER B 345 9.96 -32.62 2.71
N LYS B 346 9.99 -31.52 1.96
CA LYS B 346 10.68 -30.30 2.34
C LYS B 346 9.78 -29.09 2.13
N THR B 347 8.48 -29.26 2.36
CA THR B 347 7.51 -28.20 2.13
C THR B 347 6.37 -28.33 3.13
N ASN B 348 6.00 -27.21 3.76
CA ASN B 348 4.87 -27.17 4.69
C ASN B 348 4.90 -28.37 5.64
N HIS B 349 5.87 -28.39 6.55
CA HIS B 349 6.01 -29.52 7.46
C HIS B 349 4.94 -29.49 8.55
N ASN B 350 4.49 -28.32 8.95
CA ASN B 350 3.66 -28.14 10.14
C ASN B 350 2.31 -27.52 9.78
N GLY B 351 1.77 -27.89 8.63
CA GLY B 351 0.52 -27.34 8.17
C GLY B 351 0.70 -25.95 7.56
N SER B 352 -0.30 -25.54 6.79
CA SER B 352 -0.27 -24.24 6.14
C SER B 352 -1.65 -23.58 6.21
N GLY B 353 -2.03 -22.83 5.17
CA GLY B 353 -3.26 -22.06 5.23
C GLY B 353 -4.49 -22.90 5.51
N ILE B 354 -4.52 -24.14 5.03
CA ILE B 354 -5.71 -24.96 5.21
C ILE B 354 -5.86 -25.36 6.68
N GLY B 355 -4.76 -25.70 7.34
CA GLY B 355 -4.81 -26.15 8.72
C GLY B 355 -4.68 -25.01 9.72
N LEU B 356 -3.79 -24.06 9.44
CA LEU B 356 -3.52 -22.98 10.38
C LEU B 356 -4.34 -21.73 10.12
N GLY B 357 -4.85 -21.55 8.91
CA GLY B 357 -5.64 -20.37 8.56
C GLY B 357 -4.87 -19.44 7.64
N HIS B 358 -5.60 -18.45 7.12
CA HIS B 358 -5.08 -17.52 6.13
C HIS B 358 -5.48 -16.10 6.47
N PRO B 359 -4.79 -15.47 7.40
CA PRO B 359 -4.95 -14.02 7.57
C PRO B 359 -4.32 -13.32 6.38
N VAL B 360 -5.14 -12.79 5.48
CA VAL B 360 -4.66 -12.41 4.15
C VAL B 360 -3.48 -11.45 4.24
N GLY B 361 -3.66 -10.33 4.96
CA GLY B 361 -2.63 -9.32 4.98
C GLY B 361 -1.35 -9.75 5.69
N ALA B 362 -1.47 -10.63 6.69
CA ALA B 362 -0.32 -11.07 7.45
C ALA B 362 0.39 -12.27 6.85
N THR B 363 -0.31 -13.06 6.02
CA THR B 363 0.22 -14.34 5.60
C THR B 363 1.50 -14.19 4.78
N GLY B 364 1.56 -13.18 3.92
CA GLY B 364 2.73 -13.01 3.08
C GLY B 364 4.03 -12.99 3.88
N LEU B 365 4.00 -12.37 5.06
CA LEU B 365 5.16 -12.35 5.94
C LEU B 365 5.13 -13.49 6.95
N ARG B 366 3.94 -14.00 7.29
CA ARG B 366 3.84 -15.10 8.24
C ARG B 366 4.67 -16.30 7.77
N ILE B 367 4.51 -16.69 6.50
CA ILE B 367 5.19 -17.87 6.00
C ILE B 367 6.69 -17.64 5.88
N ILE B 368 7.13 -16.38 5.74
CA ILE B 368 8.57 -16.11 5.81
C ILE B 368 9.06 -16.33 7.24
N VAL B 369 8.32 -15.84 8.22
CA VAL B 369 8.69 -16.04 9.62
C VAL B 369 8.76 -17.53 9.94
N SER B 370 7.70 -18.27 9.56
CA SER B 370 7.66 -19.70 9.84
C SER B 370 8.76 -20.43 9.07
N MET B 371 9.02 -20.03 7.83
CA MET B 371 10.09 -20.64 7.05
C MET B 371 11.40 -20.59 7.81
N TYR B 372 11.80 -19.39 8.27
CA TYR B 372 13.08 -19.26 8.97
C TYR B 372 13.13 -20.19 10.18
N TYR B 373 12.15 -20.10 11.06
CA TYR B 373 12.21 -20.86 12.30
C TYR B 373 12.18 -22.36 12.07
N GLU B 374 11.64 -22.81 10.94
CA GLU B 374 11.76 -24.22 10.59
C GLU B 374 13.18 -24.54 10.13
N LEU B 375 13.79 -23.63 9.36
CA LEU B 375 15.21 -23.78 9.03
C LEU B 375 16.04 -23.89 10.30
N GLU B 376 15.77 -23.02 11.27
CA GLU B 376 16.56 -23.01 12.51
C GLU B 376 16.35 -24.29 13.30
N ARG B 377 15.11 -24.81 13.32
CA ARG B 377 14.85 -26.02 14.09
C ARG B 377 15.51 -27.25 13.46
N LEU B 378 15.66 -27.25 12.13
CA LEU B 378 16.24 -28.39 11.42
C LEU B 378 17.70 -28.16 11.04
N GLY B 379 18.29 -27.03 11.44
CA GLY B 379 19.67 -26.77 11.10
C GLY B 379 19.93 -26.60 9.63
N LEU B 380 18.91 -26.23 8.86
CA LEU B 380 19.05 -26.07 7.42
C LEU B 380 19.56 -24.67 7.09
N THR B 381 19.79 -24.41 5.80
CA THR B 381 20.44 -23.19 5.35
C THR B 381 19.58 -22.37 4.41
N LYS B 382 19.03 -22.99 3.35
CA LYS B 382 18.37 -22.26 2.27
C LYS B 382 16.87 -22.48 2.34
N GLY B 383 16.11 -21.38 2.43
CA GLY B 383 14.67 -21.45 2.50
C GLY B 383 14.02 -20.60 1.43
N GLY B 384 12.76 -20.90 1.17
CA GLY B 384 11.97 -20.16 0.21
C GLY B 384 10.52 -20.12 0.62
N ALA B 385 9.83 -19.06 0.23
CA ALA B 385 8.43 -18.88 0.56
C ALA B 385 7.71 -18.25 -0.62
N SER B 386 6.54 -18.79 -0.96
CA SER B 386 5.75 -18.28 -2.07
C SER B 386 4.27 -18.48 -1.74
N LEU B 387 3.42 -17.77 -2.46
CA LEU B 387 1.98 -17.86 -2.23
C LEU B 387 1.24 -17.20 -3.38
N CYS B 388 0.07 -17.76 -3.70
CA CYS B 388 -0.81 -17.17 -4.70
C CYS B 388 -1.45 -15.91 -4.15
N VAL B 389 -2.06 -15.13 -5.04
CA VAL B 389 -2.64 -13.84 -4.68
C VAL B 389 -3.96 -13.67 -5.41
N GLY B 390 -4.97 -13.18 -4.71
CA GLY B 390 -6.22 -12.80 -5.34
C GLY B 390 -5.99 -11.81 -6.45
N GLY B 391 -6.45 -12.12 -7.65
CA GLY B 391 -6.19 -11.35 -8.83
C GLY B 391 -5.12 -11.93 -9.72
N GLY B 392 -4.12 -12.59 -9.14
CA GLY B 392 -3.13 -13.31 -9.92
C GLY B 392 -1.69 -13.00 -9.56
N SER B 393 -1.40 -11.74 -9.24
CA SER B 393 -0.02 -11.31 -9.01
C SER B 393 0.59 -12.01 -7.79
N ALA B 394 1.16 -13.19 -8.00
CA ALA B 394 1.73 -13.96 -6.92
C ALA B 394 3.19 -13.56 -6.68
N MET B 395 3.75 -14.04 -5.57
CA MET B 395 5.10 -13.69 -5.16
C MET B 395 5.84 -14.91 -4.66
N ALA B 396 7.16 -14.81 -4.69
CA ALA B 396 8.06 -15.82 -4.14
C ALA B 396 9.33 -15.14 -3.70
N SER B 397 9.99 -15.72 -2.69
CA SER B 397 11.21 -15.15 -2.16
C SER B 397 12.12 -16.27 -1.68
N LEU B 398 13.43 -15.99 -1.72
CA LEU B 398 14.45 -16.97 -1.35
C LEU B 398 15.40 -16.34 -0.33
N TRP B 399 15.86 -17.17 0.61
CA TRP B 399 16.67 -16.70 1.72
C TRP B 399 17.69 -17.77 2.08
N THR B 400 18.77 -17.34 2.74
CA THR B 400 19.79 -18.26 3.20
C THR B 400 20.30 -17.81 4.56
N ARG B 401 20.68 -18.79 5.39
CA ARG B 401 21.31 -18.53 6.68
C ARG B 401 22.83 -18.46 6.57
N ASP B 402 23.35 -18.04 5.44
CA ASP B 402 24.80 -17.99 5.20
C ASP B 402 25.45 -19.34 5.48
#